data_6U89
# 
_entry.id   6U89 
# 
_audit_conform.dict_name       mmcif_pdbx.dic 
_audit_conform.dict_version    5.380 
_audit_conform.dict_location   http://mmcif.pdb.org/dictionaries/ascii/mmcif_pdbx.dic 
# 
loop_
_database_2.database_id 
_database_2.database_code 
_database_2.pdbx_database_accession 
_database_2.pdbx_DOI 
PDB   6U89         pdb_00006u89 10.2210/pdb6u89/pdb 
WWPDB D_1000244156 ?            ?                   
# 
_pdbx_database_status.status_code                     REL 
_pdbx_database_status.status_code_sf                  REL 
_pdbx_database_status.status_code_mr                  ? 
_pdbx_database_status.entry_id                        6U89 
_pdbx_database_status.recvd_initial_deposition_date   2019-09-04 
_pdbx_database_status.SG_entry                        N 
_pdbx_database_status.deposit_site                    RCSB 
_pdbx_database_status.process_site                    RCSB 
_pdbx_database_status.status_code_cs                  ? 
_pdbx_database_status.methods_development_category    ? 
_pdbx_database_status.pdb_format_compatible           Y 
_pdbx_database_status.status_code_nmr_data            ? 
# 
loop_
_audit_author.name 
_audit_author.pdbx_ordinal 
_audit_author.identifier_ORCID 
'Szostak, J.W.' 1 ? 
'Zhang, W.'     2 ? 
# 
_citation.abstract                  ? 
_citation.abstract_id_CAS           ? 
_citation.book_id_ISBN              ? 
_citation.book_publisher            ? 
_citation.book_publisher_city       ? 
_citation.book_title                ? 
_citation.coordinate_linkage        ? 
_citation.country                   UK 
_citation.database_id_Medline       ? 
_citation.details                   ? 
_citation.id                        primary 
_citation.journal_abbrev            'Nucleic Acids Res.' 
_citation.journal_id_ASTM           NARHAD 
_citation.journal_id_CSD            0389 
_citation.journal_id_ISSN           1362-4962 
_citation.journal_full              ? 
_citation.journal_issue             ? 
_citation.journal_volume            49 
_citation.language                  ? 
_citation.page_first                646 
_citation.page_last                 656 
_citation.title                     
'Structural interpretation of the effects of threo-nucleotides on nonenzymatic template-directed polymerization.' 
_citation.year                      2021 
_citation.database_id_CSD           ? 
_citation.pdbx_database_id_DOI      10.1093/nar/gkaa1215 
_citation.pdbx_database_id_PubMed   33347562 
_citation.unpublished_flag          ? 
# 
loop_
_citation_author.citation_id 
_citation_author.name 
_citation_author.ordinal 
_citation_author.identifier_ORCID 
primary 'Zhang, W.'      1 ? 
primary 'Kim, S.C.'      2 ? 
primary 'Tam, C.P.'      3 ? 
primary 'Lelyveld, V.S.' 4 ? 
primary 'Bala, S.'       5 ? 
primary 'Chaput, J.C.'   6 ? 
primary 'Szostak, J.W.'  7 ? 
# 
_cell.angle_alpha                  90.00 
_cell.angle_alpha_esd              ? 
_cell.angle_beta                   90.00 
_cell.angle_beta_esd               ? 
_cell.angle_gamma                  120.00 
_cell.angle_gamma_esd              ? 
_cell.entry_id                     6U89 
_cell.details                      ? 
_cell.formula_units_Z              ? 
_cell.length_a                     51.892 
_cell.length_a_esd                 ? 
_cell.length_b                     51.892 
_cell.length_b_esd                 ? 
_cell.length_c                     37.891 
_cell.length_c_esd                 ? 
_cell.volume                       ? 
_cell.volume_esd                   ? 
_cell.Z_PDB                        12 
_cell.reciprocal_angle_alpha       ? 
_cell.reciprocal_angle_beta        ? 
_cell.reciprocal_angle_gamma       ? 
_cell.reciprocal_angle_alpha_esd   ? 
_cell.reciprocal_angle_beta_esd    ? 
_cell.reciprocal_angle_gamma_esd   ? 
_cell.reciprocal_length_a          ? 
_cell.reciprocal_length_b          ? 
_cell.reciprocal_length_c          ? 
_cell.reciprocal_length_a_esd      ? 
_cell.reciprocal_length_b_esd      ? 
_cell.reciprocal_length_c_esd      ? 
_cell.pdbx_unique_axis             ? 
# 
_symmetry.entry_id                         6U89 
_symmetry.cell_setting                     ? 
_symmetry.Int_Tables_number                173 
_symmetry.space_group_name_Hall            ? 
_symmetry.space_group_name_H-M             'P 63' 
_symmetry.pdbx_full_space_group_name_H-M   ? 
# 
loop_
_entity.id 
_entity.type 
_entity.src_method 
_entity.pdbx_description 
_entity.formula_weight 
_entity.pdbx_number_of_molecules 
_entity.pdbx_ec 
_entity.pdbx_mutation 
_entity.pdbx_fragment 
_entity.details 
1 polymer     syn 
;RNA (5'-R(*(LCC)P*(TLN)P*(LCG)P*UP*AP*CP*A)-3')
;
2245.440 2 ? ? ? ? 
2 non-polymer syn 
'2-azanyl-9-[(2~{R},3~{R},4~{S})-3-oxidanyl-4-[oxidanyl-bis(oxidanylidene)-$l^{6}-phosphanyl]oxy-oxolan-2-yl]-1~{H}-purin-6-one' 
332.187  2 ? ? ? ? 
3 water       nat water 18.015   4 ? ? ? ? 
# 
_entity_poly.entity_id                      1 
_entity_poly.type                           polyribonucleotide 
_entity_poly.nstd_linkage                   no 
_entity_poly.nstd_monomer                   yes 
_entity_poly.pdbx_seq_one_letter_code       '(LCC)(TLN)(LCG)UACA' 
_entity_poly.pdbx_seq_one_letter_code_can   NUGUACA 
_entity_poly.pdbx_strand_id                 A,B 
_entity_poly.pdbx_target_identifier         ? 
# 
loop_
_entity_poly_seq.entity_id 
_entity_poly_seq.num 
_entity_poly_seq.mon_id 
_entity_poly_seq.hetero 
1 1 LCC n 
1 2 TLN n 
1 3 LCG n 
1 4 U   n 
1 5 A   n 
1 6 C   n 
1 7 A   n 
# 
_pdbx_entity_src_syn.entity_id              1 
_pdbx_entity_src_syn.pdbx_src_id            1 
_pdbx_entity_src_syn.pdbx_alt_source_flag   sample 
_pdbx_entity_src_syn.pdbx_beg_seq_num       1 
_pdbx_entity_src_syn.pdbx_end_seq_num       7 
_pdbx_entity_src_syn.organism_scientific    'synthetic construct' 
_pdbx_entity_src_syn.organism_common_name   ? 
_pdbx_entity_src_syn.ncbi_taxonomy_id       32630 
_pdbx_entity_src_syn.details                ? 
# 
_struct_ref.id                         1 
_struct_ref.db_name                    PDB 
_struct_ref.db_code                    6U89 
_struct_ref.pdbx_db_accession          6U89 
_struct_ref.pdbx_db_isoform            ? 
_struct_ref.entity_id                  1 
_struct_ref.pdbx_seq_one_letter_code   ? 
_struct_ref.pdbx_align_begin           1 
# 
loop_
_struct_ref_seq.align_id 
_struct_ref_seq.ref_id 
_struct_ref_seq.pdbx_PDB_id_code 
_struct_ref_seq.pdbx_strand_id 
_struct_ref_seq.seq_align_beg 
_struct_ref_seq.pdbx_seq_align_beg_ins_code 
_struct_ref_seq.seq_align_end 
_struct_ref_seq.pdbx_seq_align_end_ins_code 
_struct_ref_seq.pdbx_db_accession 
_struct_ref_seq.db_align_beg 
_struct_ref_seq.pdbx_db_align_beg_ins_code 
_struct_ref_seq.db_align_end 
_struct_ref_seq.pdbx_db_align_end_ins_code 
_struct_ref_seq.pdbx_auth_seq_align_beg 
_struct_ref_seq.pdbx_auth_seq_align_end 
1 1 6U89 A 1 ? 7 ? 6U89 1 ? 7 ? 1 7 
2 1 6U89 B 1 ? 7 ? 6U89 1 ? 7 ? 1 7 
# 
loop_
_chem_comp.id 
_chem_comp.type 
_chem_comp.mon_nstd_flag 
_chem_comp.name 
_chem_comp.pdbx_synonyms 
_chem_comp.formula 
_chem_comp.formula_weight 
A   'RNA linking' y "ADENOSINE-5'-MONOPHOSPHATE" ? 'C10 H14 N5 O7 P' 347.221 
C   'RNA linking' y "CYTIDINE-5'-MONOPHOSPHATE" ? 'C9 H14 N3 O8 P'  323.197 
HOH non-polymer   . WATER ? 'H2 O'            18.015  
LCC 'RNA linking' . 
'[(1R,3R,4R,7S)-7-HYDROXY-3-(5-METHYLCYTOSIN-1-YL)-2,5-DIOXABICYCLO[2.2.1]HEPT-1-YL]METHYL DIHYDROGEN PHOSPHATE'                 ? 
'C11 H16 N3 O8 P' 349.234 
LCG 'RNA linking' n '[(1R,3R,4R,7S)-7-HYDROXY-3-(GUANIN-9-YL)-2,5-DIOXABICYCLO[2.2.1]HEPT-1-YL]METHYL DIHYDROGEN PHOSPHATE' ? 
'C11 H14 N5 O8 P' 375.231 
TG  'RNA linking' n 
'2-azanyl-9-[(2~{R},3~{R},4~{S})-3-oxidanyl-4-[oxidanyl-bis(oxidanylidene)-$l^{6}-phosphanyl]oxy-oxolan-2-yl]-1~{H}-purin-6-one' ? 
'C9 H11 N5 O7 P'  332.187 
TLN 'RNA linking' n '[(1R,3R,4R,7S)-7-HYDROXY-3-(THYMIN-1-YL)-2,5-DIOXABICYCLO[2.2.1]HEPT-1-YL]METHYL DIHYDROGEN PHOSPHATE' ? 
'C11 H15 N2 O9 P' 350.219 
U   'RNA linking' y "URIDINE-5'-MONOPHOSPHATE" ? 'C9 H13 N2 O9 P'  324.181 
# 
_exptl.absorpt_coefficient_mu     ? 
_exptl.absorpt_correction_T_max   ? 
_exptl.absorpt_correction_T_min   ? 
_exptl.absorpt_correction_type    ? 
_exptl.absorpt_process_details    ? 
_exptl.entry_id                   6U89 
_exptl.crystals_number            1 
_exptl.details                    ? 
_exptl.method                     'X-RAY DIFFRACTION' 
_exptl.method_details             ? 
# 
_exptl_crystal.colour                      ? 
_exptl_crystal.density_diffrn              ? 
_exptl_crystal.density_Matthews            3.28 
_exptl_crystal.density_method              ? 
_exptl_crystal.density_percent_sol         62.49 
_exptl_crystal.description                 ? 
_exptl_crystal.F_000                       ? 
_exptl_crystal.id                          1 
_exptl_crystal.preparation                 ? 
_exptl_crystal.size_max                    ? 
_exptl_crystal.size_mid                    ? 
_exptl_crystal.size_min                    ? 
_exptl_crystal.size_rad                    ? 
_exptl_crystal.colour_lustre               ? 
_exptl_crystal.colour_modifier             ? 
_exptl_crystal.colour_primary              ? 
_exptl_crystal.density_meas                ? 
_exptl_crystal.density_meas_esd            ? 
_exptl_crystal.density_meas_gt             ? 
_exptl_crystal.density_meas_lt             ? 
_exptl_crystal.density_meas_temp           ? 
_exptl_crystal.density_meas_temp_esd       ? 
_exptl_crystal.density_meas_temp_gt        ? 
_exptl_crystal.density_meas_temp_lt        ? 
_exptl_crystal.pdbx_crystal_image_url      ? 
_exptl_crystal.pdbx_crystal_image_format   ? 
_exptl_crystal.pdbx_mosaicity              ? 
_exptl_crystal.pdbx_mosaicity_esd          ? 
# 
_exptl_crystal_grow.apparatus       ? 
_exptl_crystal_grow.atmosphere      ? 
_exptl_crystal_grow.crystal_id      1 
_exptl_crystal_grow.details         ? 
_exptl_crystal_grow.method          'VAPOR DIFFUSION, SITTING DROP' 
_exptl_crystal_grow.method_ref      ? 
_exptl_crystal_grow.pH              5.6 
_exptl_crystal_grow.pressure        ? 
_exptl_crystal_grow.pressure_esd    ? 
_exptl_crystal_grow.seeding         ? 
_exptl_crystal_grow.seeding_ref     ? 
_exptl_crystal_grow.temp            291 
_exptl_crystal_grow.temp_details    ? 
_exptl_crystal_grow.temp_esd        ? 
_exptl_crystal_grow.time            ? 
_exptl_crystal_grow.pdbx_details    
'25 % v/v Polyethylene glycol 400, 100 mM tri-Sodium citrate; pH 5.6, 130 mM Sodium chloride, 60 mM Magnesium chloride' 
_exptl_crystal_grow.pdbx_pH_range   ? 
# 
_diffrn.ambient_environment              ? 
_diffrn.ambient_temp                     99 
_diffrn.ambient_temp_details             ? 
_diffrn.ambient_temp_esd                 ? 
_diffrn.crystal_id                       1 
_diffrn.crystal_support                  ? 
_diffrn.crystal_treatment                ? 
_diffrn.details                          ? 
_diffrn.id                               1 
_diffrn.ambient_pressure                 ? 
_diffrn.ambient_pressure_esd             ? 
_diffrn.ambient_pressure_gt              ? 
_diffrn.ambient_pressure_lt              ? 
_diffrn.ambient_temp_gt                  ? 
_diffrn.ambient_temp_lt                  ? 
_diffrn.pdbx_serial_crystal_experiment   N 
# 
_diffrn_detector.details                      ? 
_diffrn_detector.detector                     CCD 
_diffrn_detector.diffrn_id                    1 
_diffrn_detector.type                         'MAR CCD 130 mm' 
_diffrn_detector.area_resol_mean              ? 
_diffrn_detector.dtime                        ? 
_diffrn_detector.pdbx_frames_total            ? 
_diffrn_detector.pdbx_collection_time_total   ? 
_diffrn_detector.pdbx_collection_date         2017-06-09 
_diffrn_detector.pdbx_frequency               ? 
# 
_diffrn_radiation.collimation                      ? 
_diffrn_radiation.diffrn_id                        1 
_diffrn_radiation.filter_edge                      ? 
_diffrn_radiation.inhomogeneity                    ? 
_diffrn_radiation.monochromator                    ? 
_diffrn_radiation.polarisn_norm                    ? 
_diffrn_radiation.polarisn_ratio                   ? 
_diffrn_radiation.probe                            ? 
_diffrn_radiation.type                             ? 
_diffrn_radiation.xray_symbol                      ? 
_diffrn_radiation.wavelength_id                    1 
_diffrn_radiation.pdbx_monochromatic_or_laue_m_l   M 
_diffrn_radiation.pdbx_wavelength_list             ? 
_diffrn_radiation.pdbx_wavelength                  ? 
_diffrn_radiation.pdbx_diffrn_protocol             'SINGLE WAVELENGTH' 
_diffrn_radiation.pdbx_analyzer                    ? 
_diffrn_radiation.pdbx_scattering_type             x-ray 
# 
_diffrn_radiation_wavelength.id           1 
_diffrn_radiation_wavelength.wavelength   1 
_diffrn_radiation_wavelength.wt           1.0 
# 
_diffrn_source.current                     ? 
_diffrn_source.details                     ? 
_diffrn_source.diffrn_id                   1 
_diffrn_source.power                       ? 
_diffrn_source.size                        ? 
_diffrn_source.source                      SYNCHROTRON 
_diffrn_source.target                      ? 
_diffrn_source.type                        'ALS BEAMLINE 8.2.2' 
_diffrn_source.voltage                     ? 
_diffrn_source.take-off_angle              ? 
_diffrn_source.pdbx_wavelength_list        1 
_diffrn_source.pdbx_wavelength             ? 
_diffrn_source.pdbx_synchrotron_beamline   8.2.2 
_diffrn_source.pdbx_synchrotron_site       ALS 
# 
_reflns.B_iso_Wilson_estimate            ? 
_reflns.entry_id                         6U89 
_reflns.data_reduction_details           ? 
_reflns.data_reduction_method            ? 
_reflns.d_resolution_high                2.36 
_reflns.d_resolution_low                 50 
_reflns.details                          ? 
_reflns.limit_h_max                      ? 
_reflns.limit_h_min                      ? 
_reflns.limit_k_max                      ? 
_reflns.limit_k_min                      ? 
_reflns.limit_l_max                      ? 
_reflns.limit_l_min                      ? 
_reflns.number_all                       ? 
_reflns.number_obs                       2444 
_reflns.observed_criterion               ? 
_reflns.observed_criterion_F_max         ? 
_reflns.observed_criterion_F_min         ? 
_reflns.observed_criterion_I_max         ? 
_reflns.observed_criterion_I_min         ? 
_reflns.observed_criterion_sigma_F       ? 
_reflns.observed_criterion_sigma_I       ? 
_reflns.percent_possible_obs             99.9 
_reflns.R_free_details                   ? 
_reflns.Rmerge_F_all                     ? 
_reflns.Rmerge_F_obs                     ? 
_reflns.Friedel_coverage                 ? 
_reflns.number_gt                        ? 
_reflns.threshold_expression             ? 
_reflns.pdbx_redundancy                  4.5 
_reflns.pdbx_Rmerge_I_obs                0.163 
_reflns.pdbx_Rmerge_I_all                ? 
_reflns.pdbx_Rsym_value                  ? 
_reflns.pdbx_netI_over_av_sigmaI         ? 
_reflns.pdbx_netI_over_sigmaI            10.67 
_reflns.pdbx_res_netI_over_av_sigmaI_2   ? 
_reflns.pdbx_res_netI_over_sigmaI_2      ? 
_reflns.pdbx_chi_squared                 1.00 
_reflns.pdbx_scaling_rejects             ? 
_reflns.pdbx_d_res_high_opt              ? 
_reflns.pdbx_d_res_low_opt               ? 
_reflns.pdbx_d_res_opt_method            ? 
_reflns.phase_calculation_details        ? 
_reflns.pdbx_Rrim_I_all                  0.185 
_reflns.pdbx_Rpim_I_all                  0.086 
_reflns.pdbx_d_opt                       ? 
_reflns.pdbx_number_measured_all         ? 
_reflns.pdbx_diffrn_id                   1 
_reflns.pdbx_ordinal                     1 
_reflns.pdbx_CC_half                     0.933 
_reflns.pdbx_R_split                     ? 
# 
_reflns_shell.d_res_high                  2.36 
_reflns_shell.d_res_low                   2.44 
_reflns_shell.meanI_over_sigI_all         ? 
_reflns_shell.meanI_over_sigI_obs         1.89 
_reflns_shell.number_measured_all         ? 
_reflns_shell.number_measured_obs         ? 
_reflns_shell.number_possible             ? 
_reflns_shell.number_unique_all           ? 
_reflns_shell.number_unique_obs           228 
_reflns_shell.percent_possible_all        99.6 
_reflns_shell.percent_possible_obs        ? 
_reflns_shell.Rmerge_F_all                ? 
_reflns_shell.Rmerge_F_obs                ? 
_reflns_shell.Rmerge_I_all                ? 
_reflns_shell.Rmerge_I_obs                0.537 
_reflns_shell.meanI_over_sigI_gt          ? 
_reflns_shell.meanI_over_uI_all           ? 
_reflns_shell.meanI_over_uI_gt            ? 
_reflns_shell.number_measured_gt          ? 
_reflns_shell.number_unique_gt            ? 
_reflns_shell.percent_possible_gt         ? 
_reflns_shell.Rmerge_F_gt                 ? 
_reflns_shell.Rmerge_I_gt                 ? 
_reflns_shell.pdbx_redundancy             3.9 
_reflns_shell.pdbx_Rsym_value             ? 
_reflns_shell.pdbx_chi_squared            0.549 
_reflns_shell.pdbx_netI_over_sigmaI_all   ? 
_reflns_shell.pdbx_netI_over_sigmaI_obs   ? 
_reflns_shell.pdbx_Rrim_I_all             0.621 
_reflns_shell.pdbx_Rpim_I_all             0.307 
_reflns_shell.pdbx_rejects                ? 
_reflns_shell.pdbx_ordinal                1 
_reflns_shell.pdbx_diffrn_id              1 
_reflns_shell.pdbx_CC_half                0.753 
_reflns_shell.pdbx_R_split                ? 
# 
_refine.aniso_B[1][1]                            0.03 
_refine.aniso_B[1][2]                            0.02 
_refine.aniso_B[1][3]                            0.00 
_refine.aniso_B[2][2]                            0.03 
_refine.aniso_B[2][3]                            0.00 
_refine.aniso_B[3][3]                            -0.10 
_refine.B_iso_max                                ? 
_refine.B_iso_mean                               36.17 
_refine.B_iso_min                                ? 
_refine.correlation_coeff_Fo_to_Fc               ? 
_refine.correlation_coeff_Fo_to_Fc_free          ? 
_refine.details                                  ? 
_refine.diff_density_max                         ? 
_refine.diff_density_max_esd                     ? 
_refine.diff_density_min                         ? 
_refine.diff_density_min_esd                     ? 
_refine.diff_density_rms                         ? 
_refine.diff_density_rms_esd                     ? 
_refine.entry_id                                 6U89 
_refine.pdbx_refine_id                           'X-RAY DIFFRACTION' 
_refine.ls_abs_structure_details                 ? 
_refine.ls_abs_structure_Flack                   ? 
_refine.ls_abs_structure_Flack_esd               ? 
_refine.ls_abs_structure_Rogers                  ? 
_refine.ls_abs_structure_Rogers_esd              ? 
_refine.ls_d_res_high                            2.36 
_refine.ls_d_res_low                             44.96 
_refine.ls_extinction_coef                       ? 
_refine.ls_extinction_coef_esd                   ? 
_refine.ls_extinction_expression                 ? 
_refine.ls_extinction_method                     ? 
_refine.ls_goodness_of_fit_all                   ? 
_refine.ls_goodness_of_fit_all_esd               ? 
_refine.ls_goodness_of_fit_obs                   ? 
_refine.ls_goodness_of_fit_obs_esd               ? 
_refine.ls_hydrogen_treatment                    ? 
_refine.ls_matrix_type                           ? 
_refine.ls_number_constraints                    ? 
_refine.ls_number_parameters                     ? 
_refine.ls_number_reflns_all                     ? 
_refine.ls_number_reflns_obs                     2331 
_refine.ls_number_reflns_R_free                  113 
_refine.ls_number_reflns_R_work                  ? 
_refine.ls_number_restraints                     ? 
_refine.ls_percent_reflns_obs                    99.96 
_refine.ls_percent_reflns_R_free                 4.6 
_refine.ls_R_factor_all                          ? 
_refine.ls_R_factor_obs                          0.191 
_refine.ls_R_factor_R_free                       0.274 
_refine.ls_R_factor_R_free_error                 ? 
_refine.ls_R_factor_R_free_error_details         ? 
_refine.ls_R_factor_R_work                       0.188 
_refine.ls_R_Fsqd_factor_obs                     ? 
_refine.ls_R_I_factor_obs                        ? 
_refine.ls_redundancy_reflns_all                 ? 
_refine.ls_redundancy_reflns_obs                 ? 
_refine.ls_restrained_S_all                      ? 
_refine.ls_restrained_S_obs                      ? 
_refine.ls_shift_over_esd_max                    ? 
_refine.ls_shift_over_esd_mean                   ? 
_refine.ls_structure_factor_coef                 ? 
_refine.ls_weighting_details                     ? 
_refine.ls_weighting_scheme                      ? 
_refine.ls_wR_factor_all                         ? 
_refine.ls_wR_factor_obs                         ? 
_refine.ls_wR_factor_R_free                      ? 
_refine.ls_wR_factor_R_work                      ? 
_refine.occupancy_max                            ? 
_refine.occupancy_min                            ? 
_refine.solvent_model_details                    ? 
_refine.solvent_model_param_bsol                 ? 
_refine.solvent_model_param_ksol                 ? 
_refine.ls_R_factor_gt                           ? 
_refine.ls_goodness_of_fit_gt                    ? 
_refine.ls_goodness_of_fit_ref                   ? 
_refine.ls_shift_over_su_max                     ? 
_refine.ls_shift_over_su_max_lt                  ? 
_refine.ls_shift_over_su_mean                    ? 
_refine.ls_shift_over_su_mean_lt                 ? 
_refine.pdbx_ls_sigma_I                          ? 
_refine.pdbx_ls_sigma_F                          ? 
_refine.pdbx_ls_sigma_Fsqd                       ? 
_refine.pdbx_data_cutoff_high_absF               ? 
_refine.pdbx_data_cutoff_high_rms_absF           ? 
_refine.pdbx_data_cutoff_low_absF                ? 
_refine.pdbx_isotropic_thermal_model             ? 
_refine.pdbx_ls_cross_valid_method               THROUGHOUT 
_refine.pdbx_method_to_determine_struct          'MOLECULAR REPLACEMENT' 
_refine.pdbx_starting_model                      5HBW 
_refine.pdbx_stereochemistry_target_values       ? 
_refine.pdbx_R_Free_selection_details            random 
_refine.pdbx_stereochem_target_val_spec_case     ? 
_refine.pdbx_overall_ESU_R                       ? 
_refine.pdbx_overall_ESU_R_Free                  ? 
_refine.pdbx_solvent_vdw_probe_radii             ? 
_refine.pdbx_solvent_ion_probe_radii             ? 
_refine.pdbx_solvent_shrinkage_radii             ? 
_refine.pdbx_real_space_R                        ? 
_refine.pdbx_density_correlation                 ? 
_refine.pdbx_pd_number_of_powder_patterns        ? 
_refine.pdbx_pd_number_of_points                 ? 
_refine.pdbx_pd_meas_number_of_points            ? 
_refine.pdbx_pd_proc_ls_prof_R_factor            ? 
_refine.pdbx_pd_proc_ls_prof_wR_factor           ? 
_refine.pdbx_pd_Marquardt_correlation_coeff      ? 
_refine.pdbx_pd_Fsqrd_R_factor                   ? 
_refine.pdbx_pd_ls_matrix_band_width             ? 
_refine.pdbx_overall_phase_error                 ? 
_refine.pdbx_overall_SU_R_free_Cruickshank_DPI   ? 
_refine.pdbx_overall_SU_R_free_Blow_DPI          ? 
_refine.pdbx_overall_SU_R_Blow_DPI               ? 
_refine.pdbx_TLS_residual_ADP_flag               ? 
_refine.pdbx_diffrn_id                           1 
_refine.overall_SU_B                             ? 
_refine.overall_SU_ML                            ? 
_refine.overall_SU_R_Cruickshank_DPI             ? 
_refine.overall_SU_R_free                        ? 
_refine.overall_FOM_free_R_set                   ? 
_refine.overall_FOM_work_R_set                   ? 
_refine.pdbx_average_fsc_overall                 ? 
_refine.pdbx_average_fsc_work                    ? 
_refine.pdbx_average_fsc_free                    ? 
# 
_refine_hist.pdbx_refine_id                   'X-RAY DIFFRACTION' 
_refine_hist.cycle_id                         LAST 
_refine_hist.pdbx_number_atoms_protein        0 
_refine_hist.pdbx_number_atoms_nucleic_acid   298 
_refine_hist.pdbx_number_atoms_ligand         44 
_refine_hist.number_atoms_solvent             4 
_refine_hist.number_atoms_total               346 
_refine_hist.d_res_high                       2.36 
_refine_hist.d_res_low                        44.96 
# 
_refine_ls_shell.pdbx_refine_id                   'X-RAY DIFFRACTION' 
_refine_ls_shell.d_res_high                       2.36 
_refine_ls_shell.d_res_low                        2.43 
_refine_ls_shell.number_reflns_all                ? 
_refine_ls_shell.number_reflns_obs                ? 
_refine_ls_shell.number_reflns_R_free             7 
_refine_ls_shell.number_reflns_R_work             155 
_refine_ls_shell.percent_reflns_obs               99.39 
_refine_ls_shell.percent_reflns_R_free            ? 
_refine_ls_shell.R_factor_all                     ? 
_refine_ls_shell.R_factor_obs                     ? 
_refine_ls_shell.R_factor_R_free                  0.461 
_refine_ls_shell.R_factor_R_free_error            ? 
_refine_ls_shell.R_factor_R_work                  0.298 
_refine_ls_shell.redundancy_reflns_all            ? 
_refine_ls_shell.redundancy_reflns_obs            ? 
_refine_ls_shell.wR_factor_all                    ? 
_refine_ls_shell.wR_factor_obs                    ? 
_refine_ls_shell.wR_factor_R_free                 ? 
_refine_ls_shell.wR_factor_R_work                 ? 
_refine_ls_shell.pdbx_total_number_of_bins_used   ? 
_refine_ls_shell.pdbx_phase_error                 ? 
_refine_ls_shell.pdbx_fsc_work                    ? 
_refine_ls_shell.pdbx_fsc_free                    ? 
# 
_struct.entry_id                     6U89 
_struct.title                        'RNA duplex, bound with TNA monomer' 
_struct.pdbx_model_details           ? 
_struct.pdbx_formula_weight          ? 
_struct.pdbx_formula_weight_method   ? 
_struct.pdbx_model_type_details      ? 
_struct.pdbx_CASP_flag               N 
# 
_struct_keywords.entry_id        6U89 
_struct_keywords.text            RNA 
_struct_keywords.pdbx_keywords   RNA 
# 
loop_
_struct_asym.id 
_struct_asym.pdbx_blank_PDB_chainid_flag 
_struct_asym.pdbx_modified 
_struct_asym.entity_id 
_struct_asym.details 
A N N 1 ? 
B N N 1 ? 
C N N 2 ? 
D N N 2 ? 
E N N 3 ? 
F N N 3 ? 
# 
loop_
_struct_conn.id 
_struct_conn.conn_type_id 
_struct_conn.pdbx_leaving_atom_flag 
_struct_conn.pdbx_PDB_id 
_struct_conn.ptnr1_label_asym_id 
_struct_conn.ptnr1_label_comp_id 
_struct_conn.ptnr1_label_seq_id 
_struct_conn.ptnr1_label_atom_id 
_struct_conn.pdbx_ptnr1_label_alt_id 
_struct_conn.pdbx_ptnr1_PDB_ins_code 
_struct_conn.pdbx_ptnr1_standard_comp_id 
_struct_conn.ptnr1_symmetry 
_struct_conn.ptnr2_label_asym_id 
_struct_conn.ptnr2_label_comp_id 
_struct_conn.ptnr2_label_seq_id 
_struct_conn.ptnr2_label_atom_id 
_struct_conn.pdbx_ptnr2_label_alt_id 
_struct_conn.pdbx_ptnr2_PDB_ins_code 
_struct_conn.ptnr1_auth_asym_id 
_struct_conn.ptnr1_auth_comp_id 
_struct_conn.ptnr1_auth_seq_id 
_struct_conn.ptnr2_auth_asym_id 
_struct_conn.ptnr2_auth_comp_id 
_struct_conn.ptnr2_auth_seq_id 
_struct_conn.ptnr2_symmetry 
_struct_conn.pdbx_ptnr3_label_atom_id 
_struct_conn.pdbx_ptnr3_label_seq_id 
_struct_conn.pdbx_ptnr3_label_comp_id 
_struct_conn.pdbx_ptnr3_label_asym_id 
_struct_conn.pdbx_ptnr3_label_alt_id 
_struct_conn.pdbx_ptnr3_PDB_ins_code 
_struct_conn.details 
_struct_conn.pdbx_dist_value 
_struct_conn.pdbx_value_order 
_struct_conn.pdbx_role 
covale1  covale both ? A LCC 1 "O3'" ? ? ? 1_555 A TLN 2 P  ? ? A LCC 1 A TLN 2 1_555 ? ? ? ? ? ? ?            1.613 ? ? 
covale2  covale both ? A TLN 2 "O3'" ? ? ? 1_555 A LCG 3 P  ? ? A TLN 2 A LCG 3 1_555 ? ? ? ? ? ? ?            1.632 ? ? 
covale3  covale both ? A LCG 3 "O3'" ? ? ? 1_555 A U   4 P  ? ? A LCG 3 A U   4 1_555 ? ? ? ? ? ? ?            1.611 ? ? 
covale4  covale both ? B LCC 1 "O3'" ? ? ? 1_555 B TLN 2 P  ? ? B LCC 1 B TLN 2 1_555 ? ? ? ? ? ? ?            1.624 ? ? 
covale5  covale both ? B TLN 2 "O3'" ? ? ? 1_555 B LCG 3 P  ? ? B TLN 2 B LCG 3 1_555 ? ? ? ? ? ? ?            1.628 ? ? 
covale6  covale both ? B LCG 3 "O3'" ? ? ? 1_555 B U   4 P  ? ? B LCG 3 B U   4 1_555 ? ? ? ? ? ? ?            1.598 ? ? 
hydrog1  hydrog ?    ? A TLN 2 N3    ? ? ? 1_555 B A   7 N1 ? ? A TLN 2 B A   7 1_555 ? ? ? ? ? ? WATSON-CRICK ?     ? ? 
hydrog2  hydrog ?    ? A TLN 2 O4    ? ? ? 1_555 B A   7 N6 ? ? A TLN 2 B A   7 1_555 ? ? ? ? ? ? WATSON-CRICK ?     ? ? 
hydrog3  hydrog ?    ? A LCG 3 N1    ? ? ? 1_555 B C   6 N3 ? ? A LCG 3 B C   6 1_555 ? ? ? ? ? ? WATSON-CRICK ?     ? ? 
hydrog4  hydrog ?    ? A LCG 3 N2    ? ? ? 1_555 B C   6 O2 ? ? A LCG 3 B C   6 1_555 ? ? ? ? ? ? WATSON-CRICK ?     ? ? 
hydrog5  hydrog ?    ? A LCG 3 O6    ? ? ? 1_555 B C   6 N4 ? ? A LCG 3 B C   6 1_555 ? ? ? ? ? ? WATSON-CRICK ?     ? ? 
hydrog6  hydrog ?    ? A U   4 N3    ? ? ? 1_555 B A   5 N1 ? ? A U   4 B A   5 1_555 ? ? ? ? ? ? WATSON-CRICK ?     ? ? 
hydrog7  hydrog ?    ? A U   4 O4    ? ? ? 1_555 B A   5 N6 ? ? A U   4 B A   5 1_555 ? ? ? ? ? ? WATSON-CRICK ?     ? ? 
hydrog8  hydrog ?    ? A A   5 N1    ? ? ? 1_555 B U   4 N3 ? ? A A   5 B U   4 1_555 ? ? ? ? ? ? WATSON-CRICK ?     ? ? 
hydrog9  hydrog ?    ? A A   5 N6    ? ? ? 1_555 B U   4 O4 ? ? A A   5 B U   4 1_555 ? ? ? ? ? ? WATSON-CRICK ?     ? ? 
hydrog10 hydrog ?    ? A C   6 N3    ? ? ? 1_555 B LCG 3 N1 ? ? A C   6 B LCG 3 1_555 ? ? ? ? ? ? WATSON-CRICK ?     ? ? 
hydrog11 hydrog ?    ? A C   6 N4    ? ? ? 1_555 B LCG 3 O6 ? ? A C   6 B LCG 3 1_555 ? ? ? ? ? ? WATSON-CRICK ?     ? ? 
hydrog12 hydrog ?    ? A C   6 O2    ? ? ? 1_555 B LCG 3 N2 ? ? A C   6 B LCG 3 1_555 ? ? ? ? ? ? WATSON-CRICK ?     ? ? 
hydrog13 hydrog ?    ? A A   7 N1    ? ? ? 1_555 B TLN 2 N3 ? ? A A   7 B TLN 2 1_555 ? ? ? ? ? ? WATSON-CRICK ?     ? ? 
hydrog14 hydrog ?    ? A A   7 N6    ? ? ? 1_555 B TLN 2 O4 ? ? A A   7 B TLN 2 1_555 ? ? ? ? ? ? WATSON-CRICK ?     ? ? 
# 
loop_
_struct_conn_type.id 
_struct_conn_type.criteria 
_struct_conn_type.reference 
covale ? ? 
hydrog ? ? 
# 
loop_
_struct_site.id 
_struct_site.pdbx_evidence_code 
_struct_site.pdbx_auth_asym_id 
_struct_site.pdbx_auth_comp_id 
_struct_site.pdbx_auth_seq_id 
_struct_site.pdbx_auth_ins_code 
_struct_site.pdbx_num_residues 
_struct_site.details 
AC1 Software A TG  101 ? 6  'binding site for residue TG A 101'             
AC2 Software A TG  102 ? 5  'binding site for residue TG A 102'             
AC3 Software A LCC 1   ? 8  'binding site for residues LCC A 1 and TLN A 2' 
AC4 Software A TLN 2   ? 11 'binding site for residues TLN A 2 and LCG A 3' 
AC5 Software B LCC 1   ? 5  'binding site for residues LCC B 1 and TLN B 2' 
AC6 Software B TLN 2   ? 6  'binding site for residues TLN B 2 and LCG B 3' 
# 
loop_
_struct_site_gen.id 
_struct_site_gen.site_id 
_struct_site_gen.pdbx_num_res 
_struct_site_gen.label_comp_id 
_struct_site_gen.label_asym_id 
_struct_site_gen.label_seq_id 
_struct_site_gen.pdbx_auth_ins_code 
_struct_site_gen.auth_comp_id 
_struct_site_gen.auth_asym_id 
_struct_site_gen.auth_seq_id 
_struct_site_gen.label_atom_id 
_struct_site_gen.label_alt_id 
_struct_site_gen.symmetry 
_struct_site_gen.details 
1  AC1 6  LCC A 1 ? LCC A 1   . ? 4_764 ? 
2  AC1 6  A   A 7 ? A   A 7   . ? 1_555 ? 
3  AC1 6  LCC B 1 ? LCC B 1   . ? 1_555 ? 
4  AC1 6  TLN B 2 ? TLN B 2   . ? 1_555 ? 
5  AC1 6  C   B 6 ? C   B 6   . ? 6_654 ? 
6  AC1 6  A   B 7 ? A   B 7   . ? 6_654 ? 
7  AC2 5  LCC A 1 ? LCC A 1   . ? 1_555 ? 
8  AC2 5  TLN A 2 ? TLN A 2   . ? 1_555 ? 
9  AC2 5  LCC B 1 ? LCC B 1   . ? 4_765 ? 
10 AC2 5  A   B 7 ? A   B 7   . ? 3_665 ? 
11 AC2 5  A   B 7 ? A   B 7   . ? 1_555 ? 
12 AC3 8  LCG A 3 ? LCG A 3   . ? 1_555 ? 
13 AC3 8  LCG A 3 ? LCG A 3   . ? 3_665 ? 
14 AC3 8  TG  C . ? TG  A 101 . ? 4_765 ? 
15 AC3 8  TG  D . ? TG  A 102 . ? 1_555 ? 
16 AC3 8  LCC B 1 ? LCC B 1   . ? 4_765 ? 
17 AC3 8  C   B 6 ? C   B 6   . ? 3_665 ? 
18 AC3 8  A   B 7 ? A   B 7   . ? 1_555 ? 
19 AC3 8  A   B 7 ? A   B 7   . ? 3_665 ? 
20 AC4 11 LCC A 1 ? LCC A 1   . ? 1_555 ? 
21 AC4 11 U   A 4 ? U   A 4   . ? 3_665 ? 
22 AC4 11 U   A 4 ? U   A 4   . ? 1_555 ? 
23 AC4 11 TG  D . ? TG  A 102 . ? 1_555 ? 
24 AC4 11 HOH E . ? HOH A 202 . ? 1_555 ? 
25 AC4 11 HOH E . ? HOH A 203 . ? 1_555 ? 
26 AC4 11 A   B 5 ? A   B 5   . ? 1_555 ? 
27 AC4 11 C   B 6 ? C   B 6   . ? 1_555 ? 
28 AC4 11 C   B 6 ? C   B 6   . ? 3_665 ? 
29 AC4 11 A   B 7 ? A   B 7   . ? 1_555 ? 
30 AC4 11 A   B 7 ? A   B 7   . ? 3_665 ? 
31 AC5 5  LCC A 1 ? LCC A 1   . ? 4_764 ? 
32 AC5 5  A   A 7 ? A   A 7   . ? 1_555 ? 
33 AC5 5  TG  C . ? TG  A 101 . ? 1_555 ? 
34 AC5 5  TG  D . ? TG  A 102 . ? 4_764 ? 
35 AC5 5  LCG B 3 ? LCG B 3   . ? 1_555 ? 
36 AC6 6  A   A 5 ? A   A 5   . ? 1_555 ? 
37 AC6 6  C   A 6 ? C   A 6   . ? 1_555 ? 
38 AC6 6  A   A 7 ? A   A 7   . ? 1_555 ? 
39 AC6 6  TG  C . ? TG  A 101 . ? 1_555 ? 
40 AC6 6  LCC B 1 ? LCC B 1   . ? 1_555 ? 
41 AC6 6  U   B 4 ? U   B 4   . ? 1_555 ? 
# 
_atom_sites.entry_id                    6U89 
_atom_sites.Cartn_transf_matrix[1][1]   ? 
_atom_sites.Cartn_transf_matrix[1][2]   ? 
_atom_sites.Cartn_transf_matrix[1][3]   ? 
_atom_sites.Cartn_transf_matrix[2][1]   ? 
_atom_sites.Cartn_transf_matrix[2][2]   ? 
_atom_sites.Cartn_transf_matrix[2][3]   ? 
_atom_sites.Cartn_transf_matrix[3][1]   ? 
_atom_sites.Cartn_transf_matrix[3][2]   ? 
_atom_sites.Cartn_transf_matrix[3][3]   ? 
_atom_sites.Cartn_transf_vector[1]      ? 
_atom_sites.Cartn_transf_vector[2]      ? 
_atom_sites.Cartn_transf_vector[3]      ? 
_atom_sites.fract_transf_matrix[1][1]   0.00689356 
_atom_sites.fract_transf_matrix[1][2]   -0.01862712 
_atom_sites.fract_transf_matrix[1][3]   0.01003337 
_atom_sites.fract_transf_matrix[2][1]   0.01315321 
_atom_sites.fract_transf_matrix[2][2]   -0.01428009 
_atom_sites.fract_transf_matrix[2][3]   -0.01087307 
_atom_sites.fract_transf_matrix[3][1]   0.02128247 
_atom_sites.fract_transf_matrix[3][2]   0.01273491 
_atom_sites.fract_transf_matrix[3][3]   0.00902017 
_atom_sites.fract_transf_vector[1]      0.905242 
_atom_sites.fract_transf_vector[2]      0.570091 
_atom_sites.fract_transf_vector[3]      0.238132 
_atom_sites.solution_primary            ? 
_atom_sites.solution_secondary          ? 
_atom_sites.solution_hydrogens          ? 
_atom_sites.special_details             ? 
# 
loop_
_atom_type.symbol 
C 
N 
O 
P 
# 
loop_
_atom_site.group_PDB 
_atom_site.id 
_atom_site.type_symbol 
_atom_site.label_atom_id 
_atom_site.label_alt_id 
_atom_site.label_comp_id 
_atom_site.label_asym_id 
_atom_site.label_entity_id 
_atom_site.label_seq_id 
_atom_site.pdbx_PDB_ins_code 
_atom_site.Cartn_x 
_atom_site.Cartn_y 
_atom_site.Cartn_z 
_atom_site.occupancy 
_atom_site.B_iso_or_equiv 
_atom_site.pdbx_formal_charge 
_atom_site.auth_seq_id 
_atom_site.auth_comp_id 
_atom_site.auth_asym_id 
_atom_site.auth_atom_id 
_atom_site.pdbx_PDB_model_num 
HETATM 1   O "O5'" . LCC A 1 1 ? -0.353 2.914   13.602  1.00 38.42 ? 1   LCC A "O5'" 1 
HETATM 2   C "C5'" . LCC A 1 1 ? -0.713 4.126   14.255  1.00 35.97 ? 1   LCC A "C5'" 1 
HETATM 3   C "C4'" . LCC A 1 1 ? -0.499 5.126   13.162  1.00 36.84 ? 1   LCC A "C4'" 1 
HETATM 4   O "O4'" . LCC A 1 1 ? 0.878  5.356   12.857  1.00 33.69 ? 1   LCC A "O4'" 1 
HETATM 5   C "C1'" . LCC A 1 1 ? 0.745  6.164   11.727  1.00 34.61 ? 1   LCC A "C1'" 1 
HETATM 6   N N1    . LCC A 1 1 ? 1.593  5.537   10.751  1.00 34.31 ? 1   LCC A N1    1 
HETATM 7   C C6    . LCC A 1 1 ? 2.116  4.247   11.010  1.00 32.63 ? 1   LCC A C6    1 
HETATM 8   C C5    . LCC A 1 1 ? 2.961  3.727   10.032  1.00 36.18 ? 1   LCC A C5    1 
HETATM 9   C C5M   . LCC A 1 1 ? 3.485  2.431   10.214  1.00 33.75 ? 1   LCC A C5M   1 
HETATM 10  C C4    . LCC A 1 1 ? 3.225  4.527   8.886   1.00 34.14 ? 1   LCC A C4    1 
HETATM 11  N N4    . LCC A 1 1 ? 4.014  4.080   7.940   1.00 31.86 ? 1   LCC A N4    1 
HETATM 12  N N3    . LCC A 1 1 ? 2.693  5.736   8.696   1.00 34.32 ? 1   LCC A N3    1 
HETATM 13  C C2    . LCC A 1 1 ? 1.911  6.243   9.632   1.00 34.12 ? 1   LCC A C2    1 
HETATM 14  O O2    . LCC A 1 1 ? 1.480  7.362   9.400   1.00 34.83 ? 1   LCC A O2    1 
HETATM 15  C "C3'" . LCC A 1 1 ? -1.033 4.765   11.799  1.00 36.89 ? 1   LCC A "C3'" 1 
HETATM 16  C "C2'" . LCC A 1 1 ? -0.698 6.133   11.353  1.00 34.77 ? 1   LCC A "C2'" 1 
HETATM 17  O "O2'" . LCC A 1 1 ? -1.481 6.978   12.250  1.00 32.64 ? 1   LCC A "O2'" 1 
HETATM 18  O "O3'" . LCC A 1 1 ? -2.445 4.561   11.773  1.00 40.29 ? 1   LCC A "O3'" 1 
HETATM 19  C "C6'" . LCC A 1 1 ? -1.233 6.429   13.557  1.00 35.64 ? 1   LCC A "C6'" 1 
HETATM 20  P P     . TLN A 1 2 ? -3.177 3.862   10.516  1.00 36.41 ? 2   TLN A P     1 
HETATM 21  O OP1   . TLN A 1 2 ? -4.549 3.579   10.938  1.00 37.41 ? 2   TLN A OP1   1 
HETATM 22  O OP2   . TLN A 1 2 ? -2.283 2.821   9.992   1.00 32.88 ? 2   TLN A OP2   1 
HETATM 23  O "O5'" . TLN A 1 2 ? -3.350 5.052   9.474   1.00 36.84 ? 2   TLN A "O5'" 1 
HETATM 24  C "C5'" . TLN A 1 2 ? -4.144 6.255   9.648   1.00 37.17 ? 2   TLN A "C5'" 1 
HETATM 25  C "C4'" . TLN A 1 2 ? -3.773 7.195   8.513   1.00 34.96 ? 2   TLN A "C4'" 1 
HETATM 26  O "O4'" . TLN A 1 2 ? -2.330 7.358   8.340   1.00 31.81 ? 2   TLN A "O4'" 1 
HETATM 27  C "C1'" . TLN A 1 2 ? -2.211 7.851   7.026   1.00 35.32 ? 2   TLN A "C1'" 1 
HETATM 28  N N1    . TLN A 1 2 ? -1.211 6.965   6.370   1.00 37.92 ? 2   TLN A N1    1 
HETATM 29  C C6    . TLN A 1 2 ? -0.837 5.738   6.956   1.00 39.80 ? 2   TLN A C6    1 
HETATM 30  C C5    . TLN A 1 2 ? 0.152  4.946   6.397   1.00 38.35 ? 2   TLN A C5    1 
HETATM 31  C C5M   . TLN A 1 2 ? 0.481  3.747   7.051   1.00 36.62 ? 2   TLN A C5M   1 
HETATM 32  C C4    . TLN A 1 2 ? 0.773  5.404   5.225   1.00 35.86 ? 2   TLN A C4    1 
HETATM 33  O O4    . TLN A 1 2 ? 1.664  4.778   4.632   1.00 35.92 ? 2   TLN A O4    1 
HETATM 34  N N3    . TLN A 1 2 ? 0.398  6.624   4.707   1.00 34.20 ? 2   TLN A N3    1 
HETATM 35  C C2    . TLN A 1 2 ? -0.579 7.367   5.262   1.00 35.38 ? 2   TLN A C2    1 
HETATM 36  O O2    . TLN A 1 2 ? -0.879 8.396   4.689   1.00 38.73 ? 2   TLN A O2    1 
HETATM 37  C "C3'" . TLN A 1 2 ? -4.211 6.735   7.207   1.00 37.16 ? 2   TLN A "C3'" 1 
HETATM 38  C "C2'" . TLN A 1 2 ? -3.643 7.936   6.544   1.00 35.82 ? 2   TLN A "C2'" 1 
HETATM 39  O "O2'" . TLN A 1 2 ? -4.266 8.977   7.263   1.00 35.73 ? 2   TLN A "O2'" 1 
HETATM 40  O "O3'" . TLN A 1 2 ? -5.650 6.619   7.066   1.00 38.31 ? 2   TLN A "O3'" 1 
HETATM 41  C "C6'" . TLN A 1 2 ? -4.346 8.553   8.646   1.00 35.67 ? 2   TLN A "C6'" 1 
HETATM 42  P P     . LCG A 1 3 ? -6.341 5.466   6.141   1.00 36.98 ? 3   LCG A P     1 
HETATM 43  O OP1   . LCG A 1 3 ? -7.811 5.538   6.345   1.00 36.16 ? 3   LCG A OP1   1 
HETATM 44  O "O5'" . LCG A 1 3 ? -6.044 6.007   4.674   1.00 35.92 ? 3   LCG A "O5'" 1 
HETATM 45  C "C5'" . LCG A 1 3 ? -6.482 7.285   4.244   1.00 34.20 ? 3   LCG A "C5'" 1 
HETATM 46  C "C3'" . LCG A 1 3 ? -5.793 6.386   1.989   1.00 32.46 ? 3   LCG A "C3'" 1 
HETATM 47  C "C6'" . LCG A 1 3 ? -6.219 8.695   2.137   1.00 33.40 ? 3   LCG A "C6'" 1 
HETATM 48  N N9    . LCG A 1 3 ? -2.709 6.336   2.145   1.00 32.61 ? 3   LCG A N9    1 
HETATM 49  C C8    . LCG A 1 3 ? -2.575 5.417   3.091   1.00 35.03 ? 3   LCG A C8    1 
HETATM 50  C C4    . LCG A 1 3 ? -1.698 6.263   1.299   1.00 32.02 ? 3   LCG A C4    1 
HETATM 51  N N7    . LCG A 1 3 ? -1.503 4.684   2.827   1.00 35.97 ? 3   LCG A N7    1 
HETATM 52  C C5    . LCG A 1 3 ? -0.944 5.236   1.721   1.00 34.07 ? 3   LCG A C5    1 
HETATM 53  C C6    . LCG A 1 3 ? 0.149  4.913   1.012   1.00 32.51 ? 3   LCG A C6    1 
HETATM 54  C "C2'" . LCG A 1 3 ? -4.888 7.118   1.098   1.00 32.97 ? 3   LCG A "C2'" 1 
HETATM 55  O O6    . LCG A 1 3 ? 0.865  3.966   1.336   1.00 31.35 ? 3   LCG A O6    1 
HETATM 56  C "C4'" . LCG A 1 3 ? -5.728 7.506   2.941   1.00 33.25 ? 3   LCG A "C4'" 1 
HETATM 57  C "C1'" . LCG A 1 3 ? -3.700 7.421   1.998   1.00 33.81 ? 3   LCG A "C1'" 1 
HETATM 58  C C2    . LCG A 1 3 ? -0.337 6.713   -0.535  1.00 29.81 ? 3   LCG A C2    1 
HETATM 59  N N1    . LCG A 1 3 ? 0.471  5.657   -0.134  1.00 31.94 ? 3   LCG A N1    1 
HETATM 60  O "O4'" . LCG A 1 3 ? -4.315 7.705   3.212   1.00 33.43 ? 3   LCG A "O4'" 1 
HETATM 61  O OP2   . LCG A 1 3 ? -5.628 4.183   6.360   1.00 36.45 ? 3   LCG A OP2   1 
HETATM 62  N N2    . LCG A 1 3 ? -0.011 7.415   -1.604  1.00 29.37 ? 3   LCG A N2    1 
HETATM 63  N N3    . LCG A 1 3 ? -1.390 7.010   0.204   1.00 28.48 ? 3   LCG A N3    1 
HETATM 64  O "O2'" . LCG A 1 3 ? -5.609 8.316   0.863   1.00 32.06 ? 3   LCG A "O2'" 1 
HETATM 65  O "O3'" . LCG A 1 3 ? -7.075 6.212   1.357   1.00 30.39 ? 3   LCG A "O3'" 1 
ATOM   66  P P     . U   A 1 4 ? -7.531 4.787   0.759   1.00 33.39 ? 4   U   A P     1 
ATOM   67  O OP1   . U   A 1 4 ? -9.000 4.727   0.792   1.00 40.36 ? 4   U   A OP1   1 
ATOM   68  O OP2   . U   A 1 4 ? -6.757 3.733   1.368   1.00 34.22 ? 4   U   A OP2   1 
ATOM   69  O "O5'" . U   A 1 4 ? -7.016 4.834   -0.740  1.00 37.26 ? 4   U   A "O5'" 1 
ATOM   70  C "C5'" . U   A 1 4 ? -7.253 5.974   -1.593  1.00 36.52 ? 4   U   A "C5'" 1 
ATOM   71  C "C4'" . U   A 1 4 ? -6.318 5.962   -2.779  1.00 32.44 ? 4   U   A "C4'" 1 
ATOM   72  O "O4'" . U   A 1 4 ? -4.991 6.322   -2.335  1.00 31.77 ? 4   U   A "O4'" 1 
ATOM   73  C "C3'" . U   A 1 4 ? -6.090 4.647   -3.499  1.00 33.35 ? 4   U   A "C3'" 1 
ATOM   74  O "O3'" . U   A 1 4 ? -7.116 4.375   -4.440  1.00 36.69 ? 4   U   A "O3'" 1 
ATOM   75  C "C2'" . U   A 1 4 ? -4.809 4.969   -4.233  1.00 34.29 ? 4   U   A "C2'" 1 
ATOM   76  O "O2'" . U   A 1 4 ? -5.030 5.889   -5.299  1.00 35.56 ? 4   U   A "O2'" 1 
ATOM   77  C "C1'" . U   A 1 4 ? -4.026 5.644   -3.117  1.00 32.81 ? 4   U   A "C1'" 1 
ATOM   78  N N1    . U   A 1 4 ? -3.292 4.698   -2.261  1.00 32.02 ? 4   U   A N1    1 
ATOM   79  C C2    . U   A 1 4 ? -2.082 4.251   -2.730  1.00 35.32 ? 4   U   A C2    1 
ATOM   80  O O2    . U   A 1 4 ? -1.620 4.596   -3.811  1.00 34.86 ? 4   U   A O2    1 
ATOM   81  N N3    . U   A 1 4 ? -1.437 3.368   -1.899  1.00 36.38 ? 4   U   A N3    1 
ATOM   82  C C4    . U   A 1 4 ? -1.875 2.891   -0.683  1.00 35.31 ? 4   U   A C4    1 
ATOM   83  O O4    . U   A 1 4 ? -1.162 2.111   -0.037  1.00 34.14 ? 4   U   A O4    1 
ATOM   84  C C5    . U   A 1 4 ? -3.128 3.424   -0.261  1.00 31.24 ? 4   U   A C5    1 
ATOM   85  C C6    . U   A 1 4 ? -3.777 4.285   -1.045  1.00 31.02 ? 4   U   A C6    1 
ATOM   86  P P     . A   A 1 5 ? -7.403 2.869   -4.967  1.00 38.08 ? 5   A   A P     1 
ATOM   87  O OP1   . A   A 1 5 ? -8.568 2.926   -5.851  1.00 39.20 ? 5   A   A OP1   1 
ATOM   88  O OP2   . A   A 1 5 ? -7.385 1.941   -3.789  1.00 37.47 ? 5   A   A OP2   1 
ATOM   89  O "O5'" . A   A 1 5 ? -6.146 2.530   -5.867  1.00 35.53 ? 5   A   A "O5'" 1 
ATOM   90  C "C5'" . A   A 1 5 ? -5.974 3.108   -7.159  1.00 38.48 ? 5   A   A "C5'" 1 
ATOM   91  C "C4'" . A   A 1 5 ? -4.633 2.674   -7.687  1.00 39.93 ? 5   A   A "C4'" 1 
ATOM   92  O "O4'" . A   A 1 5 ? -3.596 3.012   -6.729  1.00 38.44 ? 5   A   A "O4'" 1 
ATOM   93  C "C3'" . A   A 1 5 ? -4.450 1.173   -7.872  1.00 38.00 ? 5   A   A "C3'" 1 
ATOM   94  O "O3'" . A   A 1 5 ? -5.035 0.710   -9.073  1.00 38.52 ? 5   A   A "O3'" 1 
ATOM   95  C "C2'" . A   A 1 5 ? -2.936 1.078   -7.901  1.00 40.52 ? 5   A   A "C2'" 1 
ATOM   96  O "O2'" . A   A 1 5 ? -2.368 1.480   -9.121  1.00 42.67 ? 5   A   A "O2'" 1 
ATOM   97  C "C1'" . A   A 1 5 ? -2.569 2.038   -6.777  1.00 34.98 ? 5   A   A "C1'" 1 
ATOM   98  N N9    . A   A 1 5 ? -2.476 1.417   -5.461  1.00 35.09 ? 5   A   A N9    1 
ATOM   99  C C8    . A   A 1 5 ? -3.396 1.480   -4.443  1.00 33.74 ? 5   A   A C8    1 
ATOM   100 N N7    . A   A 1 5 ? -3.008 0.883   -3.342  1.00 34.57 ? 5   A   A N7    1 
ATOM   101 C C5    . A   A 1 5 ? -1.759 0.367   -3.665  1.00 32.82 ? 5   A   A C5    1 
ATOM   102 C C6    . A   A 1 5 ? -0.833 -0.386  -2.932  1.00 33.00 ? 5   A   A C6    1 
ATOM   103 N N6    . A   A 1 5 ? -1.030 -0.769  -1.675  1.00 35.99 ? 5   A   A N6    1 
ATOM   104 N N1    . A   A 1 5 ? 0.326  -0.723  -3.533  1.00 29.24 ? 5   A   A N1    1 
ATOM   105 C C2    . A   A 1 5 ? 0.518  -0.342  -4.795  1.00 31.80 ? 5   A   A C2    1 
ATOM   106 N N3    . A   A 1 5 ? -0.267 0.387   -5.587  1.00 33.61 ? 5   A   A N3    1 
ATOM   107 C C4    . A   A 1 5 ? -1.410 0.704   -4.958  1.00 34.31 ? 5   A   A C4    1 
ATOM   108 P P     . C   A 1 6 ? -5.761 -0.711  -9.142  1.00 42.28 ? 6   C   A P     1 
ATOM   109 O OP1   . C   A 1 6 ? -6.459 -0.760  -10.435 1.00 45.59 ? 6   C   A OP1   1 
ATOM   110 O OP2   . C   A 1 6 ? -6.572 -0.932  -7.924  1.00 39.90 ? 6   C   A OP2   1 
ATOM   111 O "O5'" . C   A 1 6 ? -4.522 -1.702  -9.127  1.00 41.63 ? 6   C   A "O5'" 1 
ATOM   112 C "C5'" . C   A 1 6 ? -3.521 -1.590  -10.142 1.00 43.65 ? 6   C   A "C5'" 1 
ATOM   113 C "C4'" . C   A 1 6 ? -2.288 -2.395  -9.805  1.00 43.83 ? 6   C   A "C4'" 1 
ATOM   114 O "O4'" . C   A 1 6 ? -1.645 -1.848  -8.634  1.00 41.81 ? 6   C   A "O4'" 1 
ATOM   115 C "C3'" . C   A 1 6 ? -2.486 -3.861  -9.453  1.00 44.86 ? 6   C   A "C3'" 1 
ATOM   116 O "O3'" . C   A 1 6 ? -2.762 -4.709  -10.576 1.00 45.54 ? 6   C   A "O3'" 1 
ATOM   117 C "C2'" . C   A 1 6 ? -1.183 -4.166  -8.735  1.00 42.49 ? 6   C   A "C2'" 1 
ATOM   118 O "O2'" . C   A 1 6 ? -0.114 -4.242  -9.640  1.00 43.23 ? 6   C   A "O2'" 1 
ATOM   119 C "C1'" . C   A 1 6 ? -1.005 -2.894  -7.918  1.00 44.51 ? 6   C   A "C1'" 1 
ATOM   120 N N1    . C   A 1 6 ? -1.600 -2.966  -6.581  1.00 43.26 ? 6   C   A N1    1 
ATOM   121 C C2    . C   A 1 6 ? -0.865 -3.548  -5.543  1.00 40.23 ? 6   C   A C2    1 
ATOM   122 O O2    . C   A 1 6 ? 0.253  -4.015  -5.787  1.00 42.00 ? 6   C   A O2    1 
ATOM   123 N N3    . C   A 1 6 ? -1.392 -3.584  -4.302  1.00 38.45 ? 6   C   A N3    1 
ATOM   124 C C4    . C   A 1 6 ? -2.607 -3.084  -4.080  1.00 37.23 ? 6   C   A C4    1 
ATOM   125 N N4    . C   A 1 6 ? -3.088 -3.150  -2.843  1.00 39.14 ? 6   C   A N4    1 
ATOM   126 C C5    . C   A 1 6 ? -3.381 -2.489  -5.117  1.00 36.83 ? 6   C   A C5    1 
ATOM   127 C C6    . C   A 1 6 ? -2.835 -2.430  -6.335  1.00 39.99 ? 6   C   A C6    1 
ATOM   128 P P     . A   A 1 7 ? -3.756 -5.977  -10.408 1.00 44.56 ? 7   A   A P     1 
ATOM   129 O OP1   . A   A 1 7 ? -4.040 -6.509  -11.756 1.00 52.44 ? 7   A   A OP1   1 
ATOM   130 O OP2   . A   A 1 7 ? -4.891 -5.605  -9.553  1.00 45.89 ? 7   A   A OP2   1 
ATOM   131 O "O5'" . A   A 1 7 ? -2.866 -6.965  -9.548  1.00 38.97 ? 7   A   A "O5'" 1 
ATOM   132 C "C5'" . A   A 1 7 ? -1.631 -7.420  -10.099 1.00 41.62 ? 7   A   A "C5'" 1 
ATOM   133 C "C4'" . A   A 1 7 ? -0.908 -8.277  -9.099  1.00 43.65 ? 7   A   A "C4'" 1 
ATOM   134 O "O4'" . A   A 1 7 ? -0.472 -7.452  -7.992  1.00 43.88 ? 7   A   A "O4'" 1 
ATOM   135 C "C3'" . A   A 1 7 ? -1.700 -9.391  -8.425  1.00 41.45 ? 7   A   A "C3'" 1 
ATOM   136 O "O3'" . A   A 1 7 ? -1.767 -10.572 -9.194  1.00 45.26 ? 7   A   A "O3'" 1 
ATOM   137 C "C2'" . A   A 1 7 ? -0.854 -9.643  -7.193  1.00 43.22 ? 7   A   A "C2'" 1 
ATOM   138 O "O2'" . A   A 1 7 ? 0.350  -10.337 -7.441  1.00 48.46 ? 7   A   A "O2'" 1 
ATOM   139 C "C1'" . A   A 1 7 ? -0.502 -8.217  -6.801  1.00 41.04 ? 7   A   A "C1'" 1 
ATOM   140 N N9    . A   A 1 7 ? -1.473 -7.617  -5.906  1.00 38.54 ? 7   A   A N9    1 
ATOM   141 C C8    . A   A 1 7 ? -2.549 -6.804  -6.175  1.00 38.30 ? 7   A   A C8    1 
ATOM   142 N N7    . A   A 1 7 ? -3.192 -6.408  -5.104  1.00 36.81 ? 7   A   A N7    1 
ATOM   143 C C5    . A   A 1 7 ? -2.472 -6.973  -4.060  1.00 34.77 ? 7   A   A C5    1 
ATOM   144 C C6    . A   A 1 7 ? -2.633 -6.926  -2.674  1.00 31.90 ? 7   A   A C6    1 
ATOM   145 N N6    . A   A 1 7 ? -3.606 -6.247  -2.067  1.00 33.36 ? 7   A   A N6    1 
ATOM   146 N N1    . A   A 1 7 ? -1.756 -7.616  -1.917  1.00 31.92 ? 7   A   A N1    1 
ATOM   147 C C2    . A   A 1 7 ? -0.803 -8.329  -2.524  1.00 33.57 ? 7   A   A C2    1 
ATOM   148 N N3    . A   A 1 7 ? -0.532 -8.433  -3.818  1.00 39.51 ? 7   A   A N3    1 
ATOM   149 C C4    . A   A 1 7 ? -1.410 -7.715  -4.540  1.00 39.62 ? 7   A   A C4    1 
HETATM 150 O "O5'" . LCC B 1 1 ? -5.980 -9.425  9.483   1.00 41.27 ? 1   LCC B "O5'" 1 
HETATM 151 C "C5'" . LCC B 1 1 ? -5.409 -10.707 9.680   1.00 41.68 ? 1   LCC B "C5'" 1 
HETATM 152 C "C4'" . LCC B 1 1 ? -4.826 -11.073 8.326   1.00 40.45 ? 1   LCC B "C4'" 1 
HETATM 153 O "O4'" . LCC B 1 1 ? -5.821 -11.213 7.273   1.00 39.97 ? 1   LCC B "O4'" 1 
HETATM 154 C "C1'" . LCC B 1 1 ? -5.027 -11.213 6.093   1.00 37.38 ? 1   LCC B "C1'" 1 
HETATM 155 N N1    . LCC B 1 1 ? -5.489 -10.148 5.230   1.00 36.79 ? 1   LCC B N1    1 
HETATM 156 C C6    . LCC B 1 1 ? -6.374 -9.170  5.770   1.00 39.59 ? 1   LCC B C6    1 
HETATM 157 C C5    . LCC B 1 1 ? -6.815 -8.155  4.928   1.00 39.93 ? 1   LCC B C5    1 
HETATM 158 C C5M   . LCC B 1 1 ? -7.679 -7.154  5.385   1.00 39.81 ? 1   LCC B C5M   1 
HETATM 159 C C4    . LCC B 1 1 ? -6.344 -8.199  3.625   1.00 40.42 ? 1   LCC B C4    1 
HETATM 160 N N4    . LCC B 1 1 ? -6.735 -7.275  2.780   1.00 44.27 ? 1   LCC B N4    1 
HETATM 161 N N3    . LCC B 1 1 ? -5.520 -9.128  3.188   1.00 37.93 ? 1   LCC B N3    1 
HETATM 162 C C2    . LCC B 1 1 ? -5.081 -10.113 3.941   1.00 39.07 ? 1   LCC B C2    1 
HETATM 163 O O2    . LCC B 1 1 ? -4.321 -10.945 3.391   1.00 44.19 ? 1   LCC B O2    1 
HETATM 164 C "C3'" . LCC B 1 1 ? -3.837 -10.089 7.770   1.00 40.48 ? 1   LCC B "C3'" 1 
HETATM 165 C "C2'" . LCC B 1 1 ? -3.623 -10.964 6.572   1.00 37.60 ? 1   LCC B "C2'" 1 
HETATM 166 O "O2'" . LCC B 1 1 ? -3.185 -12.160 7.187   1.00 36.97 ? 1   LCC B "O2'" 1 
HETATM 167 O "O3'" . LCC B 1 1 ? -2.600 -9.980  8.541   1.00 42.82 ? 1   LCC B "O3'" 1 
HETATM 168 C "C6'" . LCC B 1 1 ? -4.051 -12.353 8.384   1.00 38.27 ? 1   LCC B "C6'" 1 
HETATM 169 P P     . TLN B 1 2 ? -1.523 -8.814  8.198   1.00 41.97 ? 2   TLN B P     1 
HETATM 170 O OP1   . TLN B 1 2 ? -0.395 -8.960  9.101   1.00 38.35 ? 2   TLN B OP1   1 
HETATM 171 O OP2   . TLN B 1 2 ? -2.287 -7.552  8.103   1.00 45.73 ? 2   TLN B OP2   1 
HETATM 172 O "O5'" . TLN B 1 2 ? -0.892 -9.266  6.841   1.00 38.45 ? 2   TLN B "O5'" 1 
HETATM 173 C "C5'" . TLN B 1 2 ? -0.085 -10.446 6.797   1.00 39.07 ? 2   TLN B "C5'" 1 
HETATM 174 C "C4'" . TLN B 1 2 ? 0.233  -10.585 5.350   1.00 38.89 ? 2   TLN B "C4'" 1 
HETATM 175 O "O4'" . TLN B 1 2 ? -0.880 -10.577 4.524   1.00 39.68 ? 2   TLN B "O4'" 1 
HETATM 176 C "C1'" . TLN B 1 2 ? -0.296 -10.262 3.226   1.00 40.49 ? 2   TLN B "C1'" 1 
HETATM 177 N N1    . TLN B 1 2 ? -1.048 -9.143  2.679   1.00 40.83 ? 2   TLN B N1    1 
HETATM 178 C C6    . TLN B 1 2 ? -1.861 -8.345  3.543   1.00 39.91 ? 2   TLN B C6    1 
HETATM 179 C C5    . TLN B 1 2 ? -2.642 -7.336  3.009   1.00 37.74 ? 2   TLN B C5    1 
HETATM 180 C C5M   . TLN B 1 2 ? -3.403 -6.547  3.902   1.00 36.90 ? 2   TLN B C5M   1 
HETATM 181 C C4    . TLN B 1 2 ? -2.603 -7.162  1.624   1.00 36.09 ? 2   TLN B C4    1 
HETATM 182 O O4    . TLN B 1 2 ? -3.257 -6.308  1.052   1.00 38.76 ? 2   TLN B O4    1 
HETATM 183 N N3    . TLN B 1 2 ? -1.837 -7.984  0.805   1.00 38.47 ? 2   TLN B N3    1 
HETATM 184 C C2    . TLN B 1 2 ? -1.057 -8.979  1.348   1.00 39.20 ? 2   TLN B C2    1 
HETATM 185 O O2    . TLN B 1 2 ? -0.380 -9.685  0.607   1.00 38.80 ? 2   TLN B O2    1 
HETATM 186 C "C3'" . TLN B 1 2 ? 1.044  -9.443  4.828   1.00 40.47 ? 2   TLN B "C3'" 1 
HETATM 187 C "C2'" . TLN B 1 2 ? 1.136  -10.046 3.506   1.00 40.25 ? 2   TLN B "C2'" 1 
HETATM 188 O "O2'" . TLN B 1 2 ? 1.697  -11.350 3.818   1.00 39.79 ? 2   TLN B "O2'" 1 
HETATM 189 O "O3'" . TLN B 1 2 ? 2.383  -9.393  5.476   1.00 47.16 ? 2   TLN B "O3'" 1 
HETATM 190 C "C6'" . TLN B 1 2 ? 0.977  -11.858 5.049   1.00 37.98 ? 2   TLN B "C6'" 1 
HETATM 191 P P     . LCG B 1 3 ? 3.337  -8.077  5.381   1.00 42.90 ? 3   LCG B P     1 
HETATM 192 O OP1   . LCG B 1 3 ? 4.508  -8.371  6.188   1.00 37.66 ? 3   LCG B OP1   1 
HETATM 193 O "O5'" . LCG B 1 3 ? 3.659  -7.996  3.856   1.00 36.33 ? 3   LCG B "O5'" 1 
HETATM 194 C "C5'" . LCG B 1 3 ? 4.655  -8.846  3.314   1.00 38.87 ? 3   LCG B "C5'" 1 
HETATM 195 C "C3'" . LCG B 1 3 ? 4.872  -7.300  1.378   1.00 40.35 ? 3   LCG B "C3'" 1 
HETATM 196 C "C6'" . LCG B 1 3 ? 5.402  -9.567  1.026   1.00 41.71 ? 3   LCG B "C6'" 1 
HETATM 197 N N9    . LCG B 1 3 ? 2.112  -7.055  0.151   1.00 39.57 ? 3   LCG B N9    1 
HETATM 198 C C8    . LCG B 1 3 ? 1.471  -6.627  1.247   1.00 41.69 ? 3   LCG B C8    1 
HETATM 199 C C4    . LCG B 1 3 ? 1.573  -6.450  -0.929  1.00 39.47 ? 3   LCG B C4    1 
HETATM 200 N N7    . LCG B 1 3 ? 0.554  -5.732  0.875   1.00 45.53 ? 3   LCG B N7    1 
HETATM 201 C C5    . LCG B 1 3 ? 0.622  -5.608  -0.472  1.00 41.05 ? 3   LCG B C5    1 
HETATM 202 C C6    . LCG B 1 3 ? -0.084 -4.856  -1.312  1.00 39.06 ? 3   LCG B C6    1 
HETATM 203 C "C2'" . LCG B 1 3 ? 4.538  -7.656  -0.042  1.00 43.32 ? 3   LCG B "C2'" 1 
HETATM 204 O O6    . LCG B 1 3 ? -0.959 -4.091  -0.906  1.00 35.49 ? 3   LCG B O6    1 
HETATM 205 C "C4'" . LCG B 1 3 ? 4.540  -8.635  1.824   1.00 39.36 ? 3   LCG B "C4'" 1 
HETATM 206 C "C1'" . LCG B 1 3 ? 3.149  -8.106  0.107   1.00 40.27 ? 3   LCG B "C1'" 1 
HETATM 207 C C2    . LCG B 1 3 ? 1.155  -5.824  -3.146  1.00 42.19 ? 3   LCG B C2    1 
HETATM 208 N N1    . LCG B 1 3 ? 0.158  -4.950  -2.680  1.00 42.45 ? 3   LCG B N1    1 
HETATM 209 O "O4'" . LCG B 1 3 ? 3.239  -8.796  1.353   1.00 37.42 ? 3   LCG B "O4'" 1 
HETATM 210 O OP2   . LCG B 1 3 ? 2.511  -6.883  5.629   1.00 43.09 ? 3   LCG B OP2   1 
HETATM 211 N N2    . LCG B 1 3 ? 1.387  -5.913  -4.461  1.00 38.48 ? 3   LCG B N2    1 
HETATM 212 N N3    . LCG B 1 3 ? 1.835  -6.564  -2.245  1.00 36.55 ? 3   LCG B N3    1 
HETATM 213 O "O2'" . LCG B 1 3 ? 5.331  -8.837  -0.313  1.00 41.74 ? 3   LCG B "O2'" 1 
HETATM 214 O "O3'" . LCG B 1 3 ? 6.258  -7.037  1.500   1.00 41.98 ? 3   LCG B "O3'" 1 
ATOM   215 P P     . U   B 1 4 ? 6.792  -5.541  1.672   1.00 44.49 ? 4   U   B P     1 
ATOM   216 O OP1   . U   B 1 4 ? 8.253  -5.600  1.866   1.00 43.06 ? 4   U   B OP1   1 
ATOM   217 O OP2   . U   B 1 4 ? 5.967  -4.881  2.686   1.00 34.94 ? 4   U   B OP2   1 
ATOM   218 O "O5'" . U   B 1 4 ? 6.680  -4.971  0.192   1.00 42.40 ? 4   U   B "O5'" 1 
ATOM   219 C "C5'" . U   B 1 4 ? 7.457  -5.599  -0.844  1.00 43.34 ? 4   U   B "C5'" 1 
ATOM   220 C "C4'" . U   B 1 4 ? 7.108  -5.083  -2.217  1.00 42.21 ? 4   U   B "C4'" 1 
ATOM   221 O "O4'" . U   B 1 4 ? 5.712  -5.354  -2.504  1.00 41.22 ? 4   U   B "O4'" 1 
ATOM   222 C "C3'" . U   B 1 4 ? 7.246  -3.585  -2.401  1.00 44.52 ? 4   U   B "C3'" 1 
ATOM   223 O "O3'" . U   B 1 4 ? 8.596  -3.155  -2.560  1.00 45.10 ? 4   U   B "O3'" 1 
ATOM   224 C "C2'" . U   B 1 4 ? 6.317  -3.345  -3.573  1.00 44.59 ? 4   U   B "C2'" 1 
ATOM   225 O "O2'" . U   B 1 4 ? 6.792  -3.800  -4.817  1.00 41.74 ? 4   U   B "O2'" 1 
ATOM   226 C "C1'" . U   B 1 4 ? 5.144  -4.248  -3.188  1.00 44.89 ? 4   U   B "C1'" 1 
ATOM   227 N N1    . U   B 1 4 ? 4.116  -3.625  -2.329  1.00 40.02 ? 4   U   B N1    1 
ATOM   228 C C2    . U   B 1 4 ? 3.138  -2.841  -2.940  1.00 43.70 ? 4   U   B C2    1 
ATOM   229 O O2    . U   B 1 4 ? 3.133  -2.591  -4.144  1.00 43.48 ? 4   U   B O2    1 
ATOM   230 N N3    . U   B 1 4 ? 2.199  -2.322  -2.082  1.00 36.03 ? 4   U   B N3    1 
ATOM   231 C C4    . U   B 1 4 ? 2.139  -2.492  -0.712  1.00 39.41 ? 4   U   B C4    1 
ATOM   232 O O4    . U   B 1 4 ? 1.217  -1.979  -0.080  1.00 40.66 ? 4   U   B O4    1 
ATOM   233 C C5    . U   B 1 4 ? 3.174  -3.315  -0.163  1.00 37.85 ? 4   U   B C5    1 
ATOM   234 C C6    . U   B 1 4 ? 4.101  -3.841  -0.970  1.00 37.29 ? 4   U   B C6    1 
ATOM   235 P P     . A   B 1 5 ? 8.995  -1.690  -2.041  1.00 41.95 ? 5   A   B P     1 
ATOM   236 O OP1   . A   B 1 5 ? 10.444 -1.558  -2.161  1.00 48.64 ? 5   A   B OP1   1 
ATOM   237 O OP2   . A   B 1 5 ? 8.384  -1.442  -0.723  1.00 40.76 ? 5   A   B OP2   1 
ATOM   238 O "O5'" . A   B 1 5 ? 8.164  -0.796  -3.043  1.00 39.11 ? 5   A   B "O5'" 1 
ATOM   239 C "C5'" . A   B 1 5 ? 8.439  -0.868  -4.426  1.00 38.02 ? 5   A   B "C5'" 1 
ATOM   240 C "C4'" . A   B 1 5 ? 7.593  0.137   -5.175  1.00 37.98 ? 5   A   B "C4'" 1 
ATOM   241 O "O4'" . A   B 1 5 ? 6.207  -0.284  -5.188  1.00 40.52 ? 5   A   B "O4'" 1 
ATOM   242 C "C3'" . A   B 1 5 ? 7.531  1.554   -4.630  1.00 35.50 ? 5   A   B "C3'" 1 
ATOM   243 O "O3'" . A   B 1 5 ? 8.610  2.358   -5.062  1.00 33.95 ? 5   A   B "O3'" 1 
ATOM   244 C "C2'" . A   B 1 5 ? 6.283  2.052   -5.317  1.00 35.30 ? 5   A   B "C2'" 1 
ATOM   245 O "O2'" . A   B 1 5 ? 6.518  2.205   -6.676  1.00 32.50 ? 5   A   B "O2'" 1 
ATOM   246 C "C1'" . A   B 1 5 ? 5.367  0.855   -5.155  1.00 37.19 ? 5   A   B "C1'" 1 
ATOM   247 N N9    . A   B 1 5 ? 4.662  0.869   -3.876  1.00 38.33 ? 5   A   B N9    1 
ATOM   248 C C8    . A   B 1 5 ? 5.046  0.287   -2.693  1.00 37.70 ? 5   A   B C8    1 
ATOM   249 N N7    . A   B 1 5 ? 4.174  0.430   -1.728  1.00 36.82 ? 5   A   B N7    1 
ATOM   250 C C5    . A   B 1 5 ? 3.148  1.159   -2.312  1.00 36.29 ? 5   A   B C5    1 
ATOM   251 C C6    . A   B 1 5 ? 1.927  1.632   -1.811  1.00 44.89 ? 5   A   B C6    1 
ATOM   252 N N6    . A   B 1 5 ? 1.536  1.454   -0.548  1.00 41.97 ? 5   A   B N6    1 
ATOM   253 N N1    . A   B 1 5 ? 1.127  2.332   -2.651  1.00 39.42 ? 5   A   B N1    1 
ATOM   254 C C2    . A   B 1 5 ? 1.535  2.514   -3.919  1.00 39.89 ? 5   A   B C2    1 
ATOM   255 N N3    . A   B 1 5 ? 2.656  2.098   -4.510  1.00 36.56 ? 5   A   B N3    1 
ATOM   256 C C4    . A   B 1 5 ? 3.426  1.416   -3.641  1.00 34.92 ? 5   A   B C4    1 
ATOM   257 P P     . C   B 1 6 ? 9.170  3.579   -4.154  1.00 40.14 ? 6   C   B P     1 
ATOM   258 O OP1   . C   B 1 6 ? 10.467 3.988   -4.731  1.00 44.75 ? 6   C   B OP1   1 
ATOM   259 O OP2   . C   B 1 6 ? 9.081  3.214   -2.746  1.00 33.77 ? 6   C   B OP2   1 
ATOM   260 O "O5'" . C   B 1 6 ? 8.113  4.750   -4.360  1.00 34.76 ? 6   C   B "O5'" 1 
ATOM   261 C "C5'" . C   B 1 6 ? 7.913  5.363   -5.630  1.00 35.33 ? 6   C   B "C5'" 1 
ATOM   262 C "C4'" . C   B 1 6 ? 6.578  6.059   -5.640  1.00 36.78 ? 6   C   B "C4'" 1 
ATOM   263 O "O4'" . C   B 1 6 ? 5.525  5.104   -5.345  1.00 35.43 ? 6   C   B "O4'" 1 
ATOM   264 C "C3'" . C   B 1 6 ? 6.384  7.136   -4.574  1.00 35.75 ? 6   C   B "C3'" 1 
ATOM   265 O "O3'" . C   B 1 6 ? 7.017  8.372   -4.902  1.00 33.95 ? 6   C   B "O3'" 1 
ATOM   266 C "C2'" . C   B 1 6 ? 4.865  7.236   -4.524  1.00 32.19 ? 6   C   B "C2'" 1 
ATOM   267 O "O2'" . C   B 1 6 ? 4.292  8.004   -5.547  1.00 31.49 ? 6   C   B "O2'" 1 
ATOM   268 C "C1'" . C   B 1 6 ? 4.477  5.763   -4.646  1.00 35.22 ? 6   C   B "C1'" 1 
ATOM   269 N N1    . C   B 1 6 ? 4.310  5.145   -3.315  1.00 34.26 ? 6   C   B N1    1 
ATOM   270 C C2    . C   B 1 6 ? 3.080  5.309   -2.667  1.00 33.37 ? 6   C   B C2    1 
ATOM   271 O O2    . C   B 1 6 ? 2.169  5.929   -3.249  1.00 34.68 ? 6   C   B O2    1 
ATOM   272 N N3    . C   B 1 6 ? 2.906  4.779   -1.436  1.00 28.67 ? 6   C   B N3    1 
ATOM   273 C C4    . C   B 1 6 ? 3.904  4.128   -0.844  1.00 30.14 ? 6   C   B C4    1 
ATOM   274 N N4    . C   B 1 6 ? 3.696  3.666   0.389   1.00 31.42 ? 6   C   B N4    1 
ATOM   275 C C5    . C   B 1 6 ? 5.180  3.974   -1.464  1.00 30.81 ? 6   C   B C5    1 
ATOM   276 C C6    . C   B 1 6 ? 5.343  4.505   -2.682  1.00 32.48 ? 6   C   B C6    1 
ATOM   277 P P     . A   B 1 7 ? 7.648  9.292   -3.769  1.00 35.13 ? 7   A   B P     1 
ATOM   278 O OP1   . A   B 1 7 ? 8.609  10.210  -4.429  1.00 37.03 ? 7   A   B OP1   1 
ATOM   279 O OP2   . A   B 1 7 ? 8.008  8.457   -2.628  1.00 32.47 ? 7   A   B OP2   1 
ATOM   280 O "O5'" . A   B 1 7 ? 6.432  10.124  -3.183  1.00 31.97 ? 7   A   B "O5'" 1 
ATOM   281 C "C5'" . A   B 1 7 ? 5.598  10.909  -4.049  1.00 32.32 ? 7   A   B "C5'" 1 
ATOM   282 C "C4'" . A   B 1 7 ? 4.386  11.357  -3.284  1.00 31.68 ? 7   A   B "C4'" 1 
ATOM   283 O "O4'" . A   B 1 7 ? 3.549  10.197  -3.007  1.00 30.10 ? 7   A   B "O4'" 1 
ATOM   284 C "C3'" . A   B 1 7 ? 4.643  11.969  -1.903  1.00 32.88 ? 7   A   B "C3'" 1 
ATOM   285 O "O3'" . A   B 1 7 ? 4.871  13.379  -1.836  1.00 33.23 ? 7   A   B "O3'" 1 
ATOM   286 C "C2'" . A   B 1 7 ? 3.296  11.759  -1.249  1.00 32.43 ? 7   A   B "C2'" 1 
ATOM   287 O "O2'" . A   B 1 7 ? 2.362  12.686  -1.763  1.00 35.87 ? 7   A   B "O2'" 1 
ATOM   288 C "C1'" . A   B 1 7 ? 2.947  10.358  -1.736  1.00 32.84 ? 7   A   B "C1'" 1 
ATOM   289 N N9    . A   B 1 7 ? 3.362  9.259   -0.863  1.00 33.42 ? 7   A   B N9    1 
ATOM   290 C C8    . A   B 1 7 ? 4.460  8.440   -0.955  1.00 34.99 ? 7   A   B C8    1 
ATOM   291 N N7    . A   B 1 7 ? 4.482  7.487   -0.056  1.00 37.98 ? 7   A   B N7    1 
ATOM   292 C C5    . A   B 1 7 ? 3.313  7.682   0.667   1.00 33.45 ? 7   A   B C5    1 
ATOM   293 C C6    . A   B 1 7 ? 2.762  7.014   1.775   1.00 35.76 ? 7   A   B C6    1 
ATOM   294 N N6    . A   B 1 7 ? 3.327  5.952   2.351   1.00 35.68 ? 7   A   B N6    1 
ATOM   295 N N1    . A   B 1 7 ? 1.603  7.492   2.289   1.00 32.96 ? 7   A   B N1    1 
ATOM   296 C C2    . A   B 1 7 ? 1.040  8.555   1.709   1.00 35.83 ? 7   A   B C2    1 
ATOM   297 N N3    . A   B 1 7 ? 1.463  9.270   0.666   1.00 37.11 ? 7   A   B N3    1 
ATOM   298 C C4    . A   B 1 7 ? 2.616  8.772   0.183   1.00 34.52 ? 7   A   B C4    1 
HETATM 299 C "C1'" . TG  C 2 . ? -3.507 -10.729 -4.289  1.00 42.33 ? 101 TG  A "C1'" 1 
HETATM 300 C C2    . TG  C 2 . ? -4.029 -10.480 -0.073  1.00 38.33 ? 101 TG  A C2    1 
HETATM 301 C "C2'" . TG  C 2 . ? -3.733 -12.210 -4.198  1.00 52.54 ? 101 TG  A "C2'" 1 
HETATM 302 C "C3'" . TG  C 2 . ? -4.516 -12.441 -5.482  1.00 51.80 ? 101 TG  A "C3'" 1 
HETATM 303 C C4    . TG  C 2 . ? -4.459 -9.855  -2.249  1.00 38.61 ? 101 TG  A C4    1 
HETATM 304 C "C4'" . TG  C 2 . ? -3.784 -11.541 -6.419  1.00 49.88 ? 101 TG  A "C4'" 1 
HETATM 305 C C5    . TG  C 2 . ? -5.321 -8.873  -1.868  1.00 37.09 ? 101 TG  A C5    1 
HETATM 306 C C6    . TG  C 2 . ? -5.548 -8.683  -0.565  1.00 36.50 ? 101 TG  A C6    1 
HETATM 307 C C8    . TG  C 2 . ? -5.257 -8.867  -4.014  1.00 37.01 ? 101 TG  A C8    1 
HETATM 308 N N1    . TG  C 2 . ? -4.921 -9.527  0.318   1.00 37.51 ? 101 TG  A N1    1 
HETATM 309 N N2    . TG  C 2 . ? -3.477 -11.197 0.897   1.00 35.84 ? 101 TG  A N2    1 
HETATM 310 N N3    . TG  C 2 . ? -3.788 -10.645 -1.381  1.00 35.96 ? 101 TG  A N3    1 
HETATM 311 N N7    . TG  C 2 . ? -5.835 -8.277  -2.972  1.00 37.58 ? 101 TG  A N7    1 
HETATM 312 N N9    . TG  C 2 . ? -4.436 -9.848  -3.576  1.00 39.53 ? 101 TG  A N9    1 
HETATM 313 O O1P   . TG  C 2 . ? -7.131 -13.708 -5.304  1.00 52.27 ? 101 TG  A O1P   1 
HETATM 314 O "O2'" . TG  C 2 . ? -2.424 -12.855 -4.184  1.00 55.33 ? 101 TG  A "O2'" 1 
HETATM 315 O O2P   . TG  C 2 . ? -8.180 -11.448 -6.010  1.00 54.67 ? 101 TG  A O2P   1 
HETATM 316 O "O3'" . TG  C 2 . ? -5.836 -11.864 -5.371  1.00 55.67 ? 101 TG  A "O3'" 1 
HETATM 317 O "O4'" . TG  C 2 . ? -3.764 -10.352 -5.650  1.00 45.62 ? 101 TG  A "O4'" 1 
HETATM 318 O O6    . TG  C 2 . ? -6.339 -7.831  -0.088  1.00 33.66 ? 101 TG  A O6    1 
HETATM 319 P P     . TG  C 2 . ? -7.079 -12.475 -6.134  1.00 64.77 ? 101 TG  A P     1 
HETATM 320 O O3P   . TG  C 2 . ? -6.662 -12.741 -7.516  1.00 75.37 ? 101 TG  A O3P   1 
HETATM 321 C "C1'" . TG  D 2 . ? 4.141  10.962  2.884   1.00 37.42 ? 102 TG  A "C1'" 1 
HETATM 322 C C2    . TG  D 2 . ? 2.691  8.542   6.201   1.00 35.04 ? 102 TG  A C2    1 
HETATM 323 C "C2'" . TG  D 2 . ? 4.528  12.180  3.636   1.00 43.80 ? 102 TG  A "C2'" 1 
HETATM 324 C "C3'" . TG  D 2 . ? 5.846  12.578  2.983   1.00 44.02 ? 102 TG  A "C3'" 1 
HETATM 325 C C4    . TG  D 2 . ? 4.136  9.024   4.407   1.00 35.55 ? 102 TG  A C4    1 
HETATM 326 C "C4'" . TG  D 2 . ? 5.589  12.317  1.550   1.00 40.98 ? 102 TG  A "C4'" 1 
HETATM 327 C C5    . TG  D 2 . ? 4.846  7.867   4.564   1.00 36.55 ? 102 TG  A C5    1 
HETATM 328 C C6    . TG  D 2 . ? 4.480  7.008   5.580   1.00 38.21 ? 102 TG  A C6    1 
HETATM 329 C C8    . TG  D 2 . ? 5.677  8.891   2.906   1.00 33.53 ? 102 TG  A C8    1 
HETATM 330 N N1    . TG  D 2 . ? 3.381  7.361   6.432   1.00 35.93 ? 102 TG  A N1    1 
HETATM 331 N N2    . TG  D 2 . ? 1.696  8.838   7.010   1.00 40.34 ? 102 TG  A N2    1 
HETATM 332 N N3    . TG  D 2 . ? 3.061  9.372   5.198   1.00 34.67 ? 102 TG  A N3    1 
HETATM 333 N N7    . TG  D 2 . ? 5.817  7.790   3.601   1.00 32.52 ? 102 TG  A N7    1 
HETATM 334 N N9    . TG  D 2 . ? 4.681  9.656   3.393   1.00 33.62 ? 102 TG  A N9    1 
HETATM 335 O O1P   . TG  D 2 . ? 7.978  13.148  4.978   1.00 50.31 ? 102 TG  A O1P   1 
HETATM 336 O "O2'" . TG  D 2 . ? 3.571  13.191  3.310   1.00 47.66 ? 102 TG  A "O2'" 1 
HETATM 337 O O2P   . TG  D 2 . ? 9.196  11.192  3.831   1.00 52.67 ? 102 TG  A O2P   1 
HETATM 338 O "O3'" . TG  D 2 . ? 6.924  11.750  3.380   1.00 45.76 ? 102 TG  A "O3'" 1 
HETATM 339 O "O4'" . TG  D 2 . ? 4.681  11.211  1.556   1.00 42.45 ? 102 TG  A "O4'" 1 
HETATM 340 O O6    . TG  D 2 . ? 5.085  5.934   5.803   1.00 35.67 ? 102 TG  A O6    1 
HETATM 341 P P     . TG  D 2 . ? 8.308  12.379  3.725   1.00 48.58 ? 102 TG  A P     1 
HETATM 342 O O3P   . TG  D 2 . ? 8.563  13.193  2.528   1.00 57.75 ? 102 TG  A O3P   1 
HETATM 343 O O     . HOH E 3 . ? -0.670 5.180   -6.230  1.00 39.02 ? 201 HOH A O     1 
HETATM 344 O O     . HOH E 3 . ? -2.169 9.443   -1.199  0.50 35.76 ? 202 HOH A O     1 
HETATM 345 O O     . HOH E 3 . ? -2.047 9.604   -1.037  0.50 39.49 ? 203 HOH A O     1 
HETATM 346 O O     . HOH F 3 . ? 0.248  11.766  -0.235  1.00 39.32 ? 101 HOH B O     1 
# 
loop_
_pdbx_poly_seq_scheme.asym_id 
_pdbx_poly_seq_scheme.entity_id 
_pdbx_poly_seq_scheme.seq_id 
_pdbx_poly_seq_scheme.mon_id 
_pdbx_poly_seq_scheme.ndb_seq_num 
_pdbx_poly_seq_scheme.pdb_seq_num 
_pdbx_poly_seq_scheme.auth_seq_num 
_pdbx_poly_seq_scheme.pdb_mon_id 
_pdbx_poly_seq_scheme.auth_mon_id 
_pdbx_poly_seq_scheme.pdb_strand_id 
_pdbx_poly_seq_scheme.pdb_ins_code 
_pdbx_poly_seq_scheme.hetero 
A 1 1 LCC 1 1 1 LCC LCC A . n 
A 1 2 TLN 2 2 2 TLN TLN A . n 
A 1 3 LCG 3 3 3 LCG LCG A . n 
A 1 4 U   4 4 4 U   U   A . n 
A 1 5 A   5 5 5 A   A   A . n 
A 1 6 C   6 6 6 C   C   A . n 
A 1 7 A   7 7 7 A   A   A . n 
B 1 1 LCC 1 1 1 LCC LCC B . n 
B 1 2 TLN 2 2 2 TLN TLN B . n 
B 1 3 LCG 3 3 3 LCG LCG B . n 
B 1 4 U   4 4 4 U   U   B . n 
B 1 5 A   5 5 5 A   A   B . n 
B 1 6 C   6 6 6 C   C   B . n 
B 1 7 A   7 7 7 A   A   B . n 
# 
loop_
_pdbx_nonpoly_scheme.asym_id 
_pdbx_nonpoly_scheme.entity_id 
_pdbx_nonpoly_scheme.mon_id 
_pdbx_nonpoly_scheme.ndb_seq_num 
_pdbx_nonpoly_scheme.pdb_seq_num 
_pdbx_nonpoly_scheme.auth_seq_num 
_pdbx_nonpoly_scheme.pdb_mon_id 
_pdbx_nonpoly_scheme.auth_mon_id 
_pdbx_nonpoly_scheme.pdb_strand_id 
_pdbx_nonpoly_scheme.pdb_ins_code 
C 2 TG  1 101 1 TG  TFG A . 
D 2 TG  1 102 2 TG  TFG A . 
E 3 HOH 1 201 4 HOH HOH A . 
E 3 HOH 2 202 2 HOH HOH A . 
E 3 HOH 3 203 1 HOH HOH A . 
F 3 HOH 1 101 3 HOH HOH B . 
# 
_pdbx_struct_assembly.id                   1 
_pdbx_struct_assembly.details              author_and_software_defined_assembly 
_pdbx_struct_assembly.method_details       PISA 
_pdbx_struct_assembly.oligomeric_details   dimeric 
_pdbx_struct_assembly.oligomeric_count     2 
# 
_pdbx_struct_assembly_gen.assembly_id       1 
_pdbx_struct_assembly_gen.oper_expression   1 
_pdbx_struct_assembly_gen.asym_id_list      A,B,C,D,E,F 
# 
loop_
_pdbx_struct_assembly_prop.biol_id 
_pdbx_struct_assembly_prop.type 
_pdbx_struct_assembly_prop.value 
_pdbx_struct_assembly_prop.details 
1 'ABSA (A^2)' 2580 ? 
1 MORE         15   ? 
1 'SSA (A^2)'  2920 ? 
# 
_pdbx_struct_oper_list.id                   1 
_pdbx_struct_oper_list.type                 'identity operation' 
_pdbx_struct_oper_list.name                 1_555 
_pdbx_struct_oper_list.symmetry_operation   x,y,z 
_pdbx_struct_oper_list.matrix[1][1]         1.0000000000 
_pdbx_struct_oper_list.matrix[1][2]         0.0000000000 
_pdbx_struct_oper_list.matrix[1][3]         0.0000000000 
_pdbx_struct_oper_list.vector[1]            0.0000000000 
_pdbx_struct_oper_list.matrix[2][1]         0.0000000000 
_pdbx_struct_oper_list.matrix[2][2]         1.0000000000 
_pdbx_struct_oper_list.matrix[2][3]         0.0000000000 
_pdbx_struct_oper_list.vector[2]            0.0000000000 
_pdbx_struct_oper_list.matrix[3][1]         0.0000000000 
_pdbx_struct_oper_list.matrix[3][2]         0.0000000000 
_pdbx_struct_oper_list.matrix[3][3]         1.0000000000 
_pdbx_struct_oper_list.vector[3]            0.0000000000 
# 
loop_
_pdbx_audit_revision_history.ordinal 
_pdbx_audit_revision_history.data_content_type 
_pdbx_audit_revision_history.major_revision 
_pdbx_audit_revision_history.minor_revision 
_pdbx_audit_revision_history.revision_date 
1 'Structure model' 1 0 2020-12-09 
2 'Structure model' 1 1 2021-01-06 
3 'Structure model' 1 2 2021-02-03 
4 'Structure model' 1 3 2023-10-11 
# 
_pdbx_audit_revision_details.ordinal             1 
_pdbx_audit_revision_details.revision_ordinal    1 
_pdbx_audit_revision_details.data_content_type   'Structure model' 
_pdbx_audit_revision_details.provider            repository 
_pdbx_audit_revision_details.type                'Initial release' 
_pdbx_audit_revision_details.description         ? 
_pdbx_audit_revision_details.details             ? 
# 
loop_
_pdbx_audit_revision_group.ordinal 
_pdbx_audit_revision_group.revision_ordinal 
_pdbx_audit_revision_group.data_content_type 
_pdbx_audit_revision_group.group 
1 2 'Structure model' 'Database references'    
2 3 'Structure model' 'Database references'    
3 4 'Structure model' 'Data collection'        
4 4 'Structure model' 'Database references'    
5 4 'Structure model' 'Refinement description' 
# 
loop_
_pdbx_audit_revision_category.ordinal 
_pdbx_audit_revision_category.revision_ordinal 
_pdbx_audit_revision_category.data_content_type 
_pdbx_audit_revision_category.category 
1 2 'Structure model' citation                      
2 3 'Structure model' citation                      
3 4 'Structure model' chem_comp_atom                
4 4 'Structure model' chem_comp_bond                
5 4 'Structure model' database_2                    
6 4 'Structure model' pdbx_initial_refinement_model 
# 
loop_
_pdbx_audit_revision_item.ordinal 
_pdbx_audit_revision_item.revision_ordinal 
_pdbx_audit_revision_item.data_content_type 
_pdbx_audit_revision_item.item 
1 2 'Structure model' '_citation.pdbx_database_id_DOI'      
2 2 'Structure model' '_citation.pdbx_database_id_PubMed'   
3 2 'Structure model' '_citation.title'                     
4 3 'Structure model' '_citation.journal_volume'            
5 3 'Structure model' '_citation.page_first'                
6 3 'Structure model' '_citation.page_last'                 
7 3 'Structure model' '_citation.year'                      
8 4 'Structure model' '_database_2.pdbx_DOI'                
9 4 'Structure model' '_database_2.pdbx_database_accession' 
# 
loop_
_software.citation_id 
_software.classification 
_software.compiler_name 
_software.compiler_version 
_software.contact_author 
_software.contact_author_email 
_software.date 
_software.description 
_software.dependencies 
_software.hardware 
_software.language 
_software.location 
_software.mods 
_software.name 
_software.os 
_software.os_version 
_software.type 
_software.version 
_software.pdbx_ordinal 
? refinement       ? ? ? ? ? ? ? ? ? ? ? REFMAC   ? ? ? 5.8.0189 1 
? 'data reduction' ? ? ? ? ? ? ? ? ? ? ? HKL-2000 ? ? ? .        2 
? 'data scaling'   ? ? ? ? ? ? ? ? ? ? ? HKL-2000 ? ? ? .        3 
? phasing          ? ? ? ? ? ? ? ? ? ? ? PHASER   ? ? ? .        4 
# 
_pdbx_entry_details.entry_id                 6U89 
_pdbx_entry_details.has_ligand_of_interest   Y 
_pdbx_entry_details.compound_details         ? 
_pdbx_entry_details.source_details           ? 
_pdbx_entry_details.nonpolymer_details       ? 
_pdbx_entry_details.sequence_details         ? 
# 
loop_
_chem_comp_atom.comp_id 
_chem_comp_atom.atom_id 
_chem_comp_atom.type_symbol 
_chem_comp_atom.pdbx_aromatic_flag 
_chem_comp_atom.pdbx_stereo_config 
_chem_comp_atom.pdbx_ordinal 
A   OP3    O N N 1   
A   P      P N N 2   
A   OP1    O N N 3   
A   OP2    O N N 4   
A   "O5'"  O N N 5   
A   "C5'"  C N N 6   
A   "C4'"  C N R 7   
A   "O4'"  O N N 8   
A   "C3'"  C N S 9   
A   "O3'"  O N N 10  
A   "C2'"  C N R 11  
A   "O2'"  O N N 12  
A   "C1'"  C N R 13  
A   N9     N Y N 14  
A   C8     C Y N 15  
A   N7     N Y N 16  
A   C5     C Y N 17  
A   C6     C Y N 18  
A   N6     N N N 19  
A   N1     N Y N 20  
A   C2     C Y N 21  
A   N3     N Y N 22  
A   C4     C Y N 23  
A   HOP3   H N N 24  
A   HOP2   H N N 25  
A   "H5'"  H N N 26  
A   "H5''" H N N 27  
A   "H4'"  H N N 28  
A   "H3'"  H N N 29  
A   "HO3'" H N N 30  
A   "H2'"  H N N 31  
A   "HO2'" H N N 32  
A   "H1'"  H N N 33  
A   H8     H N N 34  
A   H61    H N N 35  
A   H62    H N N 36  
A   H2     H N N 37  
C   OP3    O N N 38  
C   P      P N N 39  
C   OP1    O N N 40  
C   OP2    O N N 41  
C   "O5'"  O N N 42  
C   "C5'"  C N N 43  
C   "C4'"  C N R 44  
C   "O4'"  O N N 45  
C   "C3'"  C N S 46  
C   "O3'"  O N N 47  
C   "C2'"  C N R 48  
C   "O2'"  O N N 49  
C   "C1'"  C N R 50  
C   N1     N N N 51  
C   C2     C N N 52  
C   O2     O N N 53  
C   N3     N N N 54  
C   C4     C N N 55  
C   N4     N N N 56  
C   C5     C N N 57  
C   C6     C N N 58  
C   HOP3   H N N 59  
C   HOP2   H N N 60  
C   "H5'"  H N N 61  
C   "H5''" H N N 62  
C   "H4'"  H N N 63  
C   "H3'"  H N N 64  
C   "HO3'" H N N 65  
C   "H2'"  H N N 66  
C   "HO2'" H N N 67  
C   "H1'"  H N N 68  
C   H41    H N N 69  
C   H42    H N N 70  
C   H5     H N N 71  
C   H6     H N N 72  
HOH O      O N N 73  
HOH H1     H N N 74  
HOH H2     H N N 75  
LCC "O5'"  O N N 76  
LCC "C5'"  C N N 77  
LCC "C4'"  C N R 78  
LCC "O4'"  O N N 79  
LCC "C1'"  C N R 80  
LCC N1     N N N 81  
LCC C6     C N N 82  
LCC C5     C N N 83  
LCC C5M    C N N 84  
LCC C4     C N N 85  
LCC N4     N N N 86  
LCC N3     N N N 87  
LCC C2     C N N 88  
LCC O2     O N N 89  
LCC "C3'"  C N S 90  
LCC "C2'"  C N R 91  
LCC "O2'"  O N N 92  
LCC "O3'"  O N N 93  
LCC "C6'"  C N N 94  
LCC P      P N N 95  
LCC O1P    O N N 96  
LCC O2P    O N N 97  
LCC OXT    O N N 98  
LCC "H5'1" H N N 99  
LCC "H5'2" H N N 100 
LCC "H1'"  H N N 101 
LCC H6     H N N 102 
LCC H5M1   H N N 103 
LCC H5M2   H N N 104 
LCC H5M3   H N N 105 
LCC H41    H N N 106 
LCC H42    H N N 107 
LCC "H3'"  H N N 108 
LCC "H2'1" H N N 109 
LCC H3T    H N N 110 
LCC "H6'1" H N N 111 
LCC "H6'2" H N N 112 
LCC H1P    H N N 113 
LCC HXT    H N N 114 
LCG P      P N N 115 
LCG OP1    O N N 116 
LCG "O5'"  O N N 117 
LCG "C5'"  C N N 118 
LCG "C3'"  C N S 119 
LCG "C6'"  C N N 120 
LCG N9     N Y N 121 
LCG C8     C Y N 122 
LCG C4     C Y N 123 
LCG N7     N Y N 124 
LCG C5     C Y N 125 
LCG C6     C N N 126 
LCG "C2'"  C N R 127 
LCG O6     O N N 128 
LCG "C4'"  C N R 129 
LCG "C1'"  C N R 130 
LCG C2     C N N 131 
LCG N1     N N N 132 
LCG "O4'"  O N N 133 
LCG OP2    O N N 134 
LCG N2     N N N 135 
LCG N3     N N N 136 
LCG "O2'"  O N N 137 
LCG "O3'"  O N N 138 
LCG OP3    O N N 139 
LCG "H5'"  H N N 140 
LCG "H5''" H N N 141 
LCG "H3'"  H N N 142 
LCG "H6'1" H N N 143 
LCG "H6'2" H N N 144 
LCG H8     H N N 145 
LCG "H2'"  H N N 146 
LCG "H1'"  H N N 147 
LCG H1     H N N 148 
LCG HOP2   H N N 149 
LCG H21    H N N 150 
LCG H22    H N N 151 
LCG "HO3'" H N N 152 
LCG HOP3   H N N 153 
TG  "C1'"  C N R 154 
TG  C2     C N N 155 
TG  "C2'"  C N R 156 
TG  "C3'"  C N S 157 
TG  C4     C Y N 158 
TG  "C4'"  C N N 159 
TG  C5     C Y N 160 
TG  C6     C N N 161 
TG  C8     C Y N 162 
TG  N1     N N N 163 
TG  N2     N N N 164 
TG  N3     N N N 165 
TG  N7     N Y N 166 
TG  N9     N Y N 167 
TG  O1P    O N N 168 
TG  "O2'"  O N N 169 
TG  O2P    O N N 170 
TG  "O3'"  O N N 171 
TG  "O4'"  O N N 172 
TG  O6     O N N 173 
TG  P      P N N 174 
TG  H1     H N N 175 
TG  H2     H N N 176 
TG  H3     H N N 177 
TG  H4     H N N 178 
TG  H5     H N N 179 
TG  H6     H N N 180 
TG  H7     H N N 181 
TG  H8     H N N 182 
TG  H9     H N N 183 
TG  H11    H N N 184 
TG  O3P    O N N 185 
TG  H10    H N N 186 
TLN P      P N N 187 
TLN OP1    O N N 188 
TLN OP2    O N N 189 
TLN OP3    O N N 190 
TLN "O5'"  O N N 191 
TLN "C5'"  C N N 192 
TLN "C4'"  C N R 193 
TLN "O4'"  O N N 194 
TLN "C1'"  C N R 195 
TLN N1     N N N 196 
TLN C6     C N N 197 
TLN C5     C N N 198 
TLN C5M    C N N 199 
TLN C4     C N N 200 
TLN O4     O N N 201 
TLN N3     N N N 202 
TLN C2     C N N 203 
TLN O2     O N N 204 
TLN "C3'"  C N S 205 
TLN "C2'"  C N R 206 
TLN "O2'"  O N N 207 
TLN "O3'"  O N N 208 
TLN "C6'"  C N N 209 
TLN HOP2   H N N 210 
TLN HOP3   H N N 211 
TLN "H5'"  H N N 212 
TLN "H5''" H N N 213 
TLN "H1'"  H N N 214 
TLN H6     H N N 215 
TLN H71    H N N 216 
TLN H72    H N N 217 
TLN H73    H N N 218 
TLN H3     H N N 219 
TLN "H3'"  H N N 220 
TLN "H2'"  H N N 221 
TLN "HO3'" H N N 222 
TLN "H6'1" H N N 223 
TLN "H6'2" H N N 224 
U   OP3    O N N 225 
U   P      P N N 226 
U   OP1    O N N 227 
U   OP2    O N N 228 
U   "O5'"  O N N 229 
U   "C5'"  C N N 230 
U   "C4'"  C N R 231 
U   "O4'"  O N N 232 
U   "C3'"  C N S 233 
U   "O3'"  O N N 234 
U   "C2'"  C N R 235 
U   "O2'"  O N N 236 
U   "C1'"  C N R 237 
U   N1     N N N 238 
U   C2     C N N 239 
U   O2     O N N 240 
U   N3     N N N 241 
U   C4     C N N 242 
U   O4     O N N 243 
U   C5     C N N 244 
U   C6     C N N 245 
U   HOP3   H N N 246 
U   HOP2   H N N 247 
U   "H5'"  H N N 248 
U   "H5''" H N N 249 
U   "H4'"  H N N 250 
U   "H3'"  H N N 251 
U   "HO3'" H N N 252 
U   "H2'"  H N N 253 
U   "HO2'" H N N 254 
U   "H1'"  H N N 255 
U   H3     H N N 256 
U   H5     H N N 257 
U   H6     H N N 258 
# 
loop_
_chem_comp_bond.comp_id 
_chem_comp_bond.atom_id_1 
_chem_comp_bond.atom_id_2 
_chem_comp_bond.value_order 
_chem_comp_bond.pdbx_aromatic_flag 
_chem_comp_bond.pdbx_stereo_config 
_chem_comp_bond.pdbx_ordinal 
A   OP3   P      sing N N 1   
A   OP3   HOP3   sing N N 2   
A   P     OP1    doub N N 3   
A   P     OP2    sing N N 4   
A   P     "O5'"  sing N N 5   
A   OP2   HOP2   sing N N 6   
A   "O5'" "C5'"  sing N N 7   
A   "C5'" "C4'"  sing N N 8   
A   "C5'" "H5'"  sing N N 9   
A   "C5'" "H5''" sing N N 10  
A   "C4'" "O4'"  sing N N 11  
A   "C4'" "C3'"  sing N N 12  
A   "C4'" "H4'"  sing N N 13  
A   "O4'" "C1'"  sing N N 14  
A   "C3'" "O3'"  sing N N 15  
A   "C3'" "C2'"  sing N N 16  
A   "C3'" "H3'"  sing N N 17  
A   "O3'" "HO3'" sing N N 18  
A   "C2'" "O2'"  sing N N 19  
A   "C2'" "C1'"  sing N N 20  
A   "C2'" "H2'"  sing N N 21  
A   "O2'" "HO2'" sing N N 22  
A   "C1'" N9     sing N N 23  
A   "C1'" "H1'"  sing N N 24  
A   N9    C8     sing Y N 25  
A   N9    C4     sing Y N 26  
A   C8    N7     doub Y N 27  
A   C8    H8     sing N N 28  
A   N7    C5     sing Y N 29  
A   C5    C6     sing Y N 30  
A   C5    C4     doub Y N 31  
A   C6    N6     sing N N 32  
A   C6    N1     doub Y N 33  
A   N6    H61    sing N N 34  
A   N6    H62    sing N N 35  
A   N1    C2     sing Y N 36  
A   C2    N3     doub Y N 37  
A   C2    H2     sing N N 38  
A   N3    C4     sing Y N 39  
C   OP3   P      sing N N 40  
C   OP3   HOP3   sing N N 41  
C   P     OP1    doub N N 42  
C   P     OP2    sing N N 43  
C   P     "O5'"  sing N N 44  
C   OP2   HOP2   sing N N 45  
C   "O5'" "C5'"  sing N N 46  
C   "C5'" "C4'"  sing N N 47  
C   "C5'" "H5'"  sing N N 48  
C   "C5'" "H5''" sing N N 49  
C   "C4'" "O4'"  sing N N 50  
C   "C4'" "C3'"  sing N N 51  
C   "C4'" "H4'"  sing N N 52  
C   "O4'" "C1'"  sing N N 53  
C   "C3'" "O3'"  sing N N 54  
C   "C3'" "C2'"  sing N N 55  
C   "C3'" "H3'"  sing N N 56  
C   "O3'" "HO3'" sing N N 57  
C   "C2'" "O2'"  sing N N 58  
C   "C2'" "C1'"  sing N N 59  
C   "C2'" "H2'"  sing N N 60  
C   "O2'" "HO2'" sing N N 61  
C   "C1'" N1     sing N N 62  
C   "C1'" "H1'"  sing N N 63  
C   N1    C2     sing N N 64  
C   N1    C6     sing N N 65  
C   C2    O2     doub N N 66  
C   C2    N3     sing N N 67  
C   N3    C4     doub N N 68  
C   C4    N4     sing N N 69  
C   C4    C5     sing N N 70  
C   N4    H41    sing N N 71  
C   N4    H42    sing N N 72  
C   C5    C6     doub N N 73  
C   C5    H5     sing N N 74  
C   C6    H6     sing N N 75  
HOH O     H1     sing N N 76  
HOH O     H2     sing N N 77  
LCC "O5'" "C5'"  sing N N 78  
LCC "O5'" P      sing N N 79  
LCC "C5'" "C4'"  sing N N 80  
LCC "C5'" "H5'1" sing N N 81  
LCC "C5'" "H5'2" sing N N 82  
LCC "C4'" "O4'"  sing N N 83  
LCC "C4'" "C3'"  sing N N 84  
LCC "C4'" "C6'"  sing N N 85  
LCC "O4'" "C1'"  sing N N 86  
LCC "C1'" N1     sing N N 87  
LCC "C1'" "C2'"  sing N N 88  
LCC "C1'" "H1'"  sing N N 89  
LCC N1    C6     sing N N 90  
LCC N1    C2     sing N N 91  
LCC C6    C5     doub N N 92  
LCC C6    H6     sing N N 93  
LCC C5    C5M    sing N N 94  
LCC C5    C4     sing N N 95  
LCC C5M   H5M1   sing N N 96  
LCC C5M   H5M2   sing N N 97  
LCC C5M   H5M3   sing N N 98  
LCC C4    N4     sing N N 99  
LCC C4    N3     doub N N 100 
LCC N4    H41    sing N N 101 
LCC N4    H42    sing N N 102 
LCC N3    C2     sing N N 103 
LCC C2    O2     doub N N 104 
LCC "C3'" "C2'"  sing N N 105 
LCC "C3'" "O3'"  sing N N 106 
LCC "C3'" "H3'"  sing N N 107 
LCC "C2'" "O2'"  sing N N 108 
LCC "C2'" "H2'1" sing N N 109 
LCC "O2'" "C6'"  sing N N 110 
LCC "O3'" H3T    sing N N 111 
LCC "C6'" "H6'1" sing N N 112 
LCC "C6'" "H6'2" sing N N 113 
LCC P     O1P    sing N N 114 
LCC P     O2P    doub N N 115 
LCC P     OXT    sing N N 116 
LCC O1P   H1P    sing N N 117 
LCC OXT   HXT    sing N N 118 
LCG P     OP1    doub N N 119 
LCG P     "O5'"  sing N N 120 
LCG P     OP2    sing N N 121 
LCG P     OP3    sing N N 122 
LCG "O5'" "C5'"  sing N N 123 
LCG "C5'" "C4'"  sing N N 124 
LCG "C5'" "H5'"  sing N N 125 
LCG "C5'" "H5''" sing N N 126 
LCG "C3'" "C2'"  sing N N 127 
LCG "C3'" "C4'"  sing N N 128 
LCG "C3'" "O3'"  sing N N 129 
LCG "C3'" "H3'"  sing N N 130 
LCG "C6'" "C4'"  sing N N 131 
LCG "C6'" "O2'"  sing N N 132 
LCG "C6'" "H6'1" sing N N 133 
LCG "C6'" "H6'2" sing N N 134 
LCG N9    C8     sing Y N 135 
LCG N9    C4     sing Y N 136 
LCG N9    "C1'"  sing N N 137 
LCG C8    N7     doub Y N 138 
LCG C8    H8     sing N N 139 
LCG C4    C5     doub Y N 140 
LCG C4    N3     sing N N 141 
LCG N7    C5     sing Y N 142 
LCG C5    C6     sing N N 143 
LCG C6    O6     doub N N 144 
LCG C6    N1     sing N N 145 
LCG "C2'" "C1'"  sing N N 146 
LCG "C2'" "O2'"  sing N N 147 
LCG "C2'" "H2'"  sing N N 148 
LCG "C4'" "O4'"  sing N N 149 
LCG "C1'" "O4'"  sing N N 150 
LCG "C1'" "H1'"  sing N N 151 
LCG C2    N1     sing N N 152 
LCG C2    N2     sing N N 153 
LCG C2    N3     doub N N 154 
LCG N1    H1     sing N N 155 
LCG OP2   HOP2   sing N N 156 
LCG N2    H21    sing N N 157 
LCG N2    H22    sing N N 158 
LCG "O3'" "HO3'" sing N N 159 
LCG OP3   HOP3   sing N N 160 
TG  N2    C2     sing N N 161 
TG  N1    C2     sing N N 162 
TG  N1    C6     sing N N 163 
TG  O6    C6     doub N N 164 
TG  C2    N3     doub N N 165 
TG  C6    C5     sing N N 166 
TG  N3    C4     sing N N 167 
TG  C5    C4     doub Y N 168 
TG  C5    N7     sing Y N 169 
TG  C4    N9     sing Y N 170 
TG  N7    C8     doub Y N 171 
TG  N9    C8     sing Y N 172 
TG  N9    "C1'"  sing N N 173 
TG  "C1'" "O4'"  sing N N 174 
TG  "C1'" "C2'"  sing N N 175 
TG  "O4'" "C4'"  sing N N 176 
TG  "C2'" "O2'"  sing N N 177 
TG  "C2'" "C3'"  sing N N 178 
TG  "C4'" "C3'"  sing N N 179 
TG  "C3'" "O3'"  sing N N 180 
TG  "O3'" P      sing N N 181 
TG  P     O1P    doub N N 182 
TG  P     O2P    doub N N 183 
TG  "C1'" H1     sing N N 184 
TG  "C2'" H2     sing N N 185 
TG  "C3'" H3     sing N N 186 
TG  "C4'" H4     sing N N 187 
TG  "C4'" H5     sing N N 188 
TG  C8    H6     sing N N 189 
TG  N1    H7     sing N N 190 
TG  N2    H8     sing N N 191 
TG  N2    H9     sing N N 192 
TG  "O2'" H11    sing N N 193 
TG  P     O3P    sing N N 194 
TG  O3P   H10    sing N N 195 
TLN P     OP1    doub N N 196 
TLN P     OP2    sing N N 197 
TLN P     OP3    sing N N 198 
TLN P     "O5'"  sing N N 199 
TLN OP2   HOP2   sing N N 200 
TLN OP3   HOP3   sing N N 201 
TLN "O5'" "C5'"  sing N N 202 
TLN "C5'" "C4'"  sing N N 203 
TLN "C5'" "H5'"  sing N N 204 
TLN "C5'" "H5''" sing N N 205 
TLN "C4'" "O4'"  sing N N 206 
TLN "C4'" "C3'"  sing N N 207 
TLN "C4'" "C6'"  sing N N 208 
TLN "O4'" "C1'"  sing N N 209 
TLN "C1'" N1     sing N N 210 
TLN "C1'" "C2'"  sing N N 211 
TLN "C1'" "H1'"  sing N N 212 
TLN N1    C6     sing N N 213 
TLN N1    C2     sing N N 214 
TLN C6    C5     doub N N 215 
TLN C6    H6     sing N N 216 
TLN C5    C5M    sing N N 217 
TLN C5    C4     sing N N 218 
TLN C5M   H71    sing N N 219 
TLN C5M   H72    sing N N 220 
TLN C5M   H73    sing N N 221 
TLN C4    O4     doub N N 222 
TLN C4    N3     sing N N 223 
TLN N3    C2     sing N N 224 
TLN N3    H3     sing N N 225 
TLN C2    O2     doub N N 226 
TLN "C3'" "C2'"  sing N N 227 
TLN "C3'" "O3'"  sing N N 228 
TLN "C3'" "H3'"  sing N N 229 
TLN "C2'" "O2'"  sing N N 230 
TLN "C2'" "H2'"  sing N N 231 
TLN "O2'" "C6'"  sing N N 232 
TLN "O3'" "HO3'" sing N N 233 
TLN "C6'" "H6'1" sing N N 234 
TLN "C6'" "H6'2" sing N N 235 
U   OP3   P      sing N N 236 
U   OP3   HOP3   sing N N 237 
U   P     OP1    doub N N 238 
U   P     OP2    sing N N 239 
U   P     "O5'"  sing N N 240 
U   OP2   HOP2   sing N N 241 
U   "O5'" "C5'"  sing N N 242 
U   "C5'" "C4'"  sing N N 243 
U   "C5'" "H5'"  sing N N 244 
U   "C5'" "H5''" sing N N 245 
U   "C4'" "O4'"  sing N N 246 
U   "C4'" "C3'"  sing N N 247 
U   "C4'" "H4'"  sing N N 248 
U   "O4'" "C1'"  sing N N 249 
U   "C3'" "O3'"  sing N N 250 
U   "C3'" "C2'"  sing N N 251 
U   "C3'" "H3'"  sing N N 252 
U   "O3'" "HO3'" sing N N 253 
U   "C2'" "O2'"  sing N N 254 
U   "C2'" "C1'"  sing N N 255 
U   "C2'" "H2'"  sing N N 256 
U   "O2'" "HO2'" sing N N 257 
U   "C1'" N1     sing N N 258 
U   "C1'" "H1'"  sing N N 259 
U   N1    C2     sing N N 260 
U   N1    C6     sing N N 261 
U   C2    O2     doub N N 262 
U   C2    N3     sing N N 263 
U   N3    C4     sing N N 264 
U   N3    H3     sing N N 265 
U   C4    O4     doub N N 266 
U   C4    C5     sing N N 267 
U   C5    C6     doub N N 268 
U   C5    H5     sing N N 269 
U   C6    H6     sing N N 270 
# 
_ndb_struct_conf_na.entry_id   6U89 
_ndb_struct_conf_na.feature    'a-form double helix' 
# 
loop_
_ndb_struct_na_base_pair.model_number 
_ndb_struct_na_base_pair.i_label_asym_id 
_ndb_struct_na_base_pair.i_label_comp_id 
_ndb_struct_na_base_pair.i_label_seq_id 
_ndb_struct_na_base_pair.i_symmetry 
_ndb_struct_na_base_pair.j_label_asym_id 
_ndb_struct_na_base_pair.j_label_comp_id 
_ndb_struct_na_base_pair.j_label_seq_id 
_ndb_struct_na_base_pair.j_symmetry 
_ndb_struct_na_base_pair.shear 
_ndb_struct_na_base_pair.stretch 
_ndb_struct_na_base_pair.stagger 
_ndb_struct_na_base_pair.buckle 
_ndb_struct_na_base_pair.propeller 
_ndb_struct_na_base_pair.opening 
_ndb_struct_na_base_pair.pair_number 
_ndb_struct_na_base_pair.pair_name 
_ndb_struct_na_base_pair.i_auth_asym_id 
_ndb_struct_na_base_pair.i_auth_seq_id 
_ndb_struct_na_base_pair.i_PDB_ins_code 
_ndb_struct_na_base_pair.j_auth_asym_id 
_ndb_struct_na_base_pair.j_auth_seq_id 
_ndb_struct_na_base_pair.j_PDB_ins_code 
_ndb_struct_na_base_pair.hbond_type_28 
_ndb_struct_na_base_pair.hbond_type_12 
1 A TLN 2 1_555 B A   7 1_555 -0.076 -0.056 -0.038 -6.263 -11.859 2.637  1 A_TLN2:A7_B A 2 ? B 7 ? 20 1 
1 A LCG 3 1_555 B C   6 1_555 -0.443 -0.202 -0.176 -6.088 -20.294 -3.790 2 A_LCG3:C6_B A 3 ? B 6 ? 19 1 
1 A U   4 1_555 B A   5 1_555 -0.207 -0.112 0.163  -1.003 -11.809 -4.330 3 A_U4:A5_B   A 4 ? B 5 ? 20 1 
1 A A   5 1_555 B U   4 1_555 -0.230 -0.121 0.128  3.858  -13.850 0.785  4 A_A5:U4_B   A 5 ? B 4 ? 20 1 
1 A C   6 1_555 B LCG 3 1_555 0.468  -0.389 0.104  4.350  -18.825 1.551  5 A_C6:LCG3_B A 6 ? B 3 ? 19 1 
1 A A   7 1_555 B TLN 2 1_555 0.052  -0.103 0.073  4.623  -12.579 5.190  6 A_A7:TLN2_B A 7 ? B 2 ? 20 1 
# 
loop_
_ndb_struct_na_base_pair_step.model_number 
_ndb_struct_na_base_pair_step.i_label_asym_id_1 
_ndb_struct_na_base_pair_step.i_label_comp_id_1 
_ndb_struct_na_base_pair_step.i_label_seq_id_1 
_ndb_struct_na_base_pair_step.i_symmetry_1 
_ndb_struct_na_base_pair_step.j_label_asym_id_1 
_ndb_struct_na_base_pair_step.j_label_comp_id_1 
_ndb_struct_na_base_pair_step.j_label_seq_id_1 
_ndb_struct_na_base_pair_step.j_symmetry_1 
_ndb_struct_na_base_pair_step.i_label_asym_id_2 
_ndb_struct_na_base_pair_step.i_label_comp_id_2 
_ndb_struct_na_base_pair_step.i_label_seq_id_2 
_ndb_struct_na_base_pair_step.i_symmetry_2 
_ndb_struct_na_base_pair_step.j_label_asym_id_2 
_ndb_struct_na_base_pair_step.j_label_comp_id_2 
_ndb_struct_na_base_pair_step.j_label_seq_id_2 
_ndb_struct_na_base_pair_step.j_symmetry_2 
_ndb_struct_na_base_pair_step.shift 
_ndb_struct_na_base_pair_step.slide 
_ndb_struct_na_base_pair_step.rise 
_ndb_struct_na_base_pair_step.tilt 
_ndb_struct_na_base_pair_step.roll 
_ndb_struct_na_base_pair_step.twist 
_ndb_struct_na_base_pair_step.x_displacement 
_ndb_struct_na_base_pair_step.y_displacement 
_ndb_struct_na_base_pair_step.helical_rise 
_ndb_struct_na_base_pair_step.inclination 
_ndb_struct_na_base_pair_step.tip 
_ndb_struct_na_base_pair_step.helical_twist 
_ndb_struct_na_base_pair_step.step_number 
_ndb_struct_na_base_pair_step.step_name 
_ndb_struct_na_base_pair_step.i_auth_asym_id_1 
_ndb_struct_na_base_pair_step.i_auth_seq_id_1 
_ndb_struct_na_base_pair_step.i_PDB_ins_code_1 
_ndb_struct_na_base_pair_step.j_auth_asym_id_1 
_ndb_struct_na_base_pair_step.j_auth_seq_id_1 
_ndb_struct_na_base_pair_step.j_PDB_ins_code_1 
_ndb_struct_na_base_pair_step.i_auth_asym_id_2 
_ndb_struct_na_base_pair_step.i_auth_seq_id_2 
_ndb_struct_na_base_pair_step.i_PDB_ins_code_2 
_ndb_struct_na_base_pair_step.j_auth_asym_id_2 
_ndb_struct_na_base_pair_step.j_auth_seq_id_2 
_ndb_struct_na_base_pair_step.j_PDB_ins_code_2 
1 A TLN 2 1_555 B A   7 1_555 A LCG 3 1_555 B C   6 1_555 0.117  -1.483 3.149 1.033  16.723 27.717 -5.172 -0.056 1.963 31.524 
-1.947 32.303 1 AA_TLN2LCG3:C6A7_BB A 2 ? B 7 ? A 3 ? B 6 ? 
1 A LCG 3 1_555 B C   6 1_555 A U   4 1_555 B A   5 1_555 -0.306 -1.127 3.122 -3.614 7.547  31.564 -3.213 -0.034 2.802 13.577 
6.502  32.627 2 AA_LCG3U4:A5C6_BB   A 3 ? B 6 ? A 4 ? B 5 ? 
1 A U   4 1_555 B A   5 1_555 A A   5 1_555 B U   4 1_555 0.236  -1.404 3.033 -0.932 7.956  32.661 -3.570 -0.542 2.621 13.889 
1.627  33.603 3 AA_U4A5:U4A5_BB     A 4 ? B 5 ? A 5 ? B 4 ? 
1 A A   5 1_555 B U   4 1_555 A C   6 1_555 B LCG 3 1_555 0.073  -1.302 3.271 0.610  5.677  35.204 -2.925 -0.033 3.032 9.311  
-1.000 35.650 4 AA_A5C6:LCG3U4_BB   A 5 ? B 4 ? A 6 ? B 3 ? 
1 A C   6 1_555 B LCG 3 1_555 A A   7 1_555 B TLN 2 1_555 0.042  -1.534 3.136 0.859  10.186 27.762 -4.909 0.078  2.433 20.375 
-1.718 29.550 5 AA_C6A7:TLN2LCG3_BB A 6 ? B 3 ? A 7 ? B 2 ? 
# 
_pdbx_audit_support.funding_organization   'Howard Hughes Medical Institute (HHMI)' 
_pdbx_audit_support.country                'United States' 
_pdbx_audit_support.grant_number           ? 
_pdbx_audit_support.ordinal                1 
# 
_pdbx_entity_instance_feature.ordinal        1 
_pdbx_entity_instance_feature.comp_id        TG 
_pdbx_entity_instance_feature.asym_id        ? 
_pdbx_entity_instance_feature.seq_num        ? 
_pdbx_entity_instance_feature.auth_comp_id   TG 
_pdbx_entity_instance_feature.auth_asym_id   ? 
_pdbx_entity_instance_feature.auth_seq_num   ? 
_pdbx_entity_instance_feature.feature_type   'SUBJECT OF INVESTIGATION' 
_pdbx_entity_instance_feature.details        ? 
# 
loop_
_pdbx_entity_nonpoly.entity_id 
_pdbx_entity_nonpoly.name 
_pdbx_entity_nonpoly.comp_id 
2 '2-azanyl-9-[(2~{R},3~{R},4~{S})-3-oxidanyl-4-[oxidanyl-bis(oxidanylidene)-$l^{6}-phosphanyl]oxy-oxolan-2-yl]-1~{H}-purin-6-one' 
TG  
3 water                                                                                                                            
HOH 
# 
_pdbx_initial_refinement_model.id               1 
_pdbx_initial_refinement_model.entity_id_list   ? 
_pdbx_initial_refinement_model.type             'experimental model' 
_pdbx_initial_refinement_model.source_name      PDB 
_pdbx_initial_refinement_model.accession_code   5HBW 
_pdbx_initial_refinement_model.details          ? 
# 
_pdbx_struct_assembly_auth_evidence.id                     1 
_pdbx_struct_assembly_auth_evidence.assembly_id            1 
_pdbx_struct_assembly_auth_evidence.experimental_support   none 
_pdbx_struct_assembly_auth_evidence.details                ? 
# 
